data_6A97
#
_entry.id   6A97
#
_cell.length_a   89.633
_cell.length_b   93.497
_cell.length_c   138.123
_cell.angle_alpha   90.00
_cell.angle_beta   90.00
_cell.angle_gamma   90.00
#
_symmetry.space_group_name_H-M   'P 21 21 21'
#
loop_
_entity.id
_entity.type
_entity.pdbx_description
1 polymer 'MHC I-like leukocyte 2 long form'
2 polymer Beta-2-microglobulin
3 non-polymer 'SULFATE ION'
4 water water
#
loop_
_entity_poly.entity_id
_entity_poly.type
_entity_poly.pdbx_seq_one_letter_code
_entity_poly.pdbx_strand_id
1 'polypeptide(L)'
;MSSIQGFLADVEVHGSSRLTRTHTLRYNVRAHSLEGSEKTQLLVLIYVDEELFLKYNGDSRETEPLGCWIKGHGGNETCA
RETNNLLKVEEKLRGMMAEVINQKSQEEGLHTLQATLGCELLSNGSTRGFWHLGYDGQNFLTFDQKTLTWTVDGPSTQQN
KMFWKTHAPRADLVKTFLDDICPAHLQRYLASLRNGLQDTGPPMVTVTCRNYPVGRVTLTCRAFNLYTREATLVWLQDGK
PVQQKTFRSETILPSGDGTYQARVSIRVLPGQEPQFSCNLRHGNHSIMQTAV
;
A,C
2 'polypeptide(L)'
;MIQKTPQIQVYSRHPPENGKPNILNCYVTQFHPPHIEIQMLKNGKKIPKVEMSDMSFSKDWSFYILAHTEFTPTETDTYA
CRVKHASMAEPKTVYWDRDM
;
B,D
#
loop_
_chem_comp.id
_chem_comp.type
_chem_comp.name
_chem_comp.formula
SO4 non-polymer 'SULFATE ION' 'O4 S -2'
#
# COMPACT_ATOMS: atom_id res chain seq x y z
N THR A 22 -5.83 -15.23 13.19
CA THR A 22 -6.97 -14.41 13.60
C THR A 22 -8.08 -14.42 12.54
N HIS A 23 -9.32 -14.55 13.00
CA HIS A 23 -10.46 -14.64 12.08
C HIS A 23 -11.66 -13.87 12.60
N THR A 24 -12.52 -13.46 11.68
CA THR A 24 -13.70 -12.67 12.05
C THR A 24 -14.98 -13.21 11.41
N LEU A 25 -16.04 -13.26 12.19
CA LEU A 25 -17.37 -13.57 11.70
C LEU A 25 -18.24 -12.33 11.89
N ARG A 26 -18.87 -11.88 10.80
CA ARG A 26 -19.68 -10.67 10.88
C ARG A 26 -21.03 -10.83 10.20
N TYR A 27 -22.08 -10.46 10.93
CA TYR A 27 -23.44 -10.47 10.40
C TYR A 27 -23.83 -9.04 10.09
N ASN A 28 -24.11 -8.74 8.82
CA ASN A 28 -24.68 -7.45 8.46
C ASN A 28 -26.18 -7.60 8.22
N VAL A 29 -26.97 -7.01 9.11
CA VAL A 29 -28.42 -7.18 9.09
C VAL A 29 -29.09 -5.87 8.74
N ARG A 30 -30.11 -5.93 7.90
CA ARG A 30 -30.89 -4.73 7.59
C ARG A 30 -32.37 -5.06 7.40
N ALA A 31 -33.24 -4.25 7.99
CA ALA A 31 -34.67 -4.36 7.76
C ALA A 31 -35.06 -3.65 6.47
N HIS A 32 -35.87 -4.32 5.65
CA HIS A 32 -36.29 -3.75 4.37
C HIS A 32 -37.26 -2.60 4.57
N SER A 33 -38.26 -2.83 5.42
CA SER A 33 -39.21 -1.79 5.80
C SER A 33 -39.77 -2.11 7.18
N LEU A 34 -39.89 -1.09 8.02
CA LEU A 34 -40.28 -1.28 9.41
C LEU A 34 -41.79 -1.40 9.56
N GLU A 35 -42.28 -2.63 9.61
CA GLU A 35 -43.69 -2.89 9.81
C GLU A 35 -43.96 -3.23 11.27
N GLY A 36 -43.35 -4.32 11.73
CA GLY A 36 -43.46 -4.76 13.11
C GLY A 36 -42.57 -5.97 13.33
N SER A 37 -42.44 -6.40 14.58
CA SER A 37 -41.52 -7.48 14.92
C SER A 37 -41.80 -8.80 14.19
N GLU A 38 -43.04 -8.98 13.73
CA GLU A 38 -43.39 -10.20 13.02
C GLU A 38 -43.26 -10.06 11.51
N LYS A 39 -43.80 -8.97 10.96
CA LYS A 39 -43.87 -8.80 9.51
C LYS A 39 -42.63 -8.16 8.87
N THR A 40 -41.77 -7.54 9.68
CA THR A 40 -40.56 -6.91 9.13
C THR A 40 -39.65 -7.95 8.50
N GLN A 41 -39.33 -7.76 7.22
CA GLN A 41 -38.47 -8.66 6.50
C GLN A 41 -37.02 -8.21 6.61
N LEU A 42 -36.10 -9.15 6.72
CA LEU A 42 -34.70 -8.86 6.99
C LEU A 42 -33.79 -9.35 5.88
N LEU A 43 -32.74 -8.59 5.59
CA LEU A 43 -31.64 -9.08 4.77
C LEU A 43 -30.47 -9.39 5.68
N VAL A 44 -30.00 -10.63 5.65
CA VAL A 44 -28.88 -11.03 6.48
C VAL A 44 -27.73 -11.47 5.59
N LEU A 45 -26.59 -10.82 5.77
CA LEU A 45 -25.38 -11.16 5.03
C LEU A 45 -24.29 -11.56 6.01
N ILE A 46 -23.67 -12.71 5.75
CA ILE A 46 -22.66 -13.24 6.66
C ILE A 46 -21.28 -13.22 6.02
N TYR A 47 -20.34 -12.57 6.70
CA TYR A 47 -18.97 -12.45 6.22
C TYR A 47 -17.98 -13.22 7.09
N VAL A 48 -17.16 -14.05 6.45
CA VAL A 48 -16.04 -14.67 7.15
C VAL A 48 -14.75 -14.09 6.61
N ASP A 49 -13.97 -13.48 7.50
CA ASP A 49 -12.71 -12.82 7.14
C ASP A 49 -12.94 -11.83 5.99
N GLU A 50 -14.01 -11.04 6.14
CA GLU A 50 -14.42 -9.98 5.21
C GLU A 50 -14.98 -10.51 3.88
N GLU A 51 -15.06 -11.82 3.70
CA GLU A 51 -15.63 -12.38 2.47
C GLU A 51 -17.06 -12.86 2.66
N LEU A 52 -17.95 -12.42 1.78
CA LEU A 52 -19.35 -12.82 1.84
C LEU A 52 -19.46 -14.33 1.73
N PHE A 53 -20.15 -14.93 2.69
CA PHE A 53 -20.20 -16.37 2.80
C PHE A 53 -21.63 -16.88 2.65
N LEU A 54 -22.56 -16.24 3.34
CA LEU A 54 -23.94 -16.69 3.30
C LEU A 54 -24.87 -15.49 3.20
N LYS A 55 -26.03 -15.71 2.61
CA LYS A 55 -27.05 -14.67 2.54
C LYS A 55 -28.42 -15.26 2.80
N TYR A 56 -29.23 -14.56 3.60
CA TYR A 56 -30.65 -14.82 3.66
C TYR A 56 -31.39 -13.51 3.42
N ASN A 57 -32.27 -13.51 2.43
CA ASN A 57 -33.07 -12.32 2.14
C ASN A 57 -34.55 -12.63 2.24
N GLY A 58 -35.19 -12.14 3.30
CA GLY A 58 -36.59 -12.43 3.54
C GLY A 58 -37.54 -11.54 2.76
N ASP A 59 -37.00 -10.76 1.84
CA ASP A 59 -37.82 -9.92 0.97
C ASP A 59 -38.73 -10.81 0.11
N SER A 60 -40.04 -10.59 0.23
CA SER A 60 -41.04 -11.39 -0.47
C SER A 60 -40.83 -11.41 -1.98
N ARG A 61 -40.24 -10.33 -2.51
CA ARG A 61 -40.06 -10.18 -3.95
C ARG A 61 -38.78 -10.84 -4.45
N GLU A 62 -38.12 -11.61 -3.58
CA GLU A 62 -36.88 -12.29 -3.96
C GLU A 62 -37.16 -13.72 -4.39
N THR A 63 -36.65 -14.11 -5.55
CA THR A 63 -36.85 -15.45 -6.08
C THR A 63 -35.86 -16.45 -5.51
N GLU A 64 -34.67 -15.96 -5.14
CA GLU A 64 -33.70 -16.77 -4.43
C GLU A 64 -33.40 -16.18 -3.05
N PRO A 65 -34.16 -16.59 -2.03
CA PRO A 65 -33.97 -16.03 -0.69
C PRO A 65 -32.64 -16.43 -0.05
N LEU A 66 -32.03 -17.52 -0.50
CA LEU A 66 -30.80 -18.00 0.11
C LEU A 66 -29.61 -17.92 -0.84
N GLY A 67 -28.43 -17.72 -0.28
CA GLY A 67 -27.20 -17.69 -1.06
C GLY A 67 -26.02 -18.24 -0.28
N CYS A 68 -25.08 -18.85 -0.99
CA CYS A 68 -23.94 -19.49 -0.35
C CYS A 68 -22.71 -19.46 -1.26
N TRP A 69 -21.65 -18.81 -0.80
CA TRP A 69 -20.40 -18.69 -1.57
C TRP A 69 -19.29 -19.51 -0.94
N ILE A 70 -18.98 -20.64 -1.57
CA ILE A 70 -17.97 -21.56 -1.06
C ILE A 70 -17.50 -22.45 -2.21
N LYS A 71 -16.22 -22.83 -2.18
CA LYS A 71 -15.65 -23.67 -3.24
C LYS A 71 -15.22 -25.02 -2.69
N GLY A 72 -14.90 -25.95 -3.59
CA GLY A 72 -14.38 -27.24 -3.19
C GLY A 72 -15.41 -28.35 -3.16
N HIS A 73 -14.95 -29.56 -2.84
CA HIS A 73 -15.81 -30.73 -2.81
C HIS A 73 -16.81 -30.65 -1.66
N GLY A 74 -18.02 -31.17 -1.88
CA GLY A 74 -19.06 -31.17 -0.86
C GLY A 74 -19.61 -29.79 -0.57
N GLY A 75 -19.32 -28.83 -1.45
CA GLY A 75 -19.78 -27.46 -1.28
C GLY A 75 -21.28 -27.35 -1.24
N ASN A 76 -21.96 -28.12 -2.08
CA ASN A 76 -23.42 -28.07 -2.16
C ASN A 76 -24.11 -28.60 -0.91
N GLU A 77 -23.53 -29.64 -0.31
CA GLU A 77 -24.06 -30.18 0.94
C GLU A 77 -23.84 -29.20 2.07
N THR A 78 -22.69 -28.55 2.06
CA THR A 78 -22.35 -27.55 3.07
C THR A 78 -23.34 -26.39 3.03
N CYS A 79 -23.71 -25.98 1.82
CA CYS A 79 -24.67 -24.91 1.64
C CYS A 79 -26.05 -25.32 2.15
N ALA A 80 -26.44 -26.56 1.89
CA ALA A 80 -27.71 -27.08 2.37
C ALA A 80 -27.77 -26.96 3.89
N ARG A 81 -26.73 -27.45 4.55
CA ARG A 81 -26.65 -27.42 6.01
C ARG A 81 -26.62 -26.00 6.54
N GLU A 82 -25.72 -25.17 6.00
CA GLU A 82 -25.48 -23.88 6.61
C GLU A 82 -26.54 -22.84 6.26
N THR A 83 -27.22 -22.99 5.13
CA THR A 83 -28.35 -22.11 4.86
C THR A 83 -29.52 -22.47 5.77
N ASN A 84 -29.68 -23.75 6.05
CA ASN A 84 -30.69 -24.16 7.02
C ASN A 84 -30.36 -23.63 8.43
N ASN A 85 -29.09 -23.75 8.84
CA ASN A 85 -28.64 -23.13 10.10
C ASN A 85 -28.85 -21.63 10.14
N LEU A 86 -28.68 -20.99 8.99
CA LEU A 86 -28.84 -19.54 8.86
C LEU A 86 -30.28 -19.12 9.19
N LEU A 87 -31.24 -19.95 8.79
CA LEU A 87 -32.65 -19.67 9.09
C LEU A 87 -32.90 -19.56 10.59
N LYS A 88 -32.20 -20.38 11.37
CA LYS A 88 -32.34 -20.35 12.83
C LYS A 88 -31.72 -19.08 13.41
N VAL A 89 -30.60 -18.66 12.83
CA VAL A 89 -29.94 -17.43 13.25
C VAL A 89 -30.85 -16.22 13.02
N GLU A 90 -31.51 -16.19 11.86
CA GLU A 90 -32.40 -15.09 11.54
C GLU A 90 -33.55 -15.00 12.55
N GLU A 91 -34.08 -16.15 12.95
CA GLU A 91 -35.09 -16.21 13.99
C GLU A 91 -34.60 -15.59 15.31
N LYS A 92 -33.41 -15.97 15.73
CA LYS A 92 -32.86 -15.46 16.99
C LYS A 92 -32.64 -13.96 16.92
N LEU A 93 -32.07 -13.49 15.82
CA LEU A 93 -31.80 -12.07 15.65
C LEU A 93 -33.09 -11.27 15.66
N ARG A 94 -34.11 -11.77 14.96
CA ARG A 94 -35.42 -11.13 14.97
C ARG A 94 -35.98 -11.04 16.39
N GLY A 95 -35.90 -12.13 17.13
CA GLY A 95 -36.41 -12.17 18.49
C GLY A 95 -35.72 -11.16 19.39
N MET A 96 -34.39 -11.15 19.35
CA MET A 96 -33.63 -10.24 20.20
C MET A 96 -33.89 -8.77 19.88
N MET A 97 -34.12 -8.48 18.60
CA MET A 97 -34.28 -7.10 18.15
C MET A 97 -35.75 -6.70 17.96
N ALA A 98 -36.65 -7.56 18.43
CA ALA A 98 -38.08 -7.38 18.23
C ALA A 98 -38.59 -6.05 18.80
N GLU A 99 -38.13 -5.70 20.00
CA GLU A 99 -38.66 -4.51 20.66
C GLU A 99 -38.13 -3.24 20.00
N VAL A 100 -36.86 -3.25 19.59
CA VAL A 100 -36.31 -2.12 18.85
C VAL A 100 -37.08 -1.94 17.54
N ILE A 101 -37.33 -3.05 16.85
CA ILE A 101 -38.09 -3.02 15.61
C ILE A 101 -39.51 -2.47 15.81
N ASN A 102 -40.18 -2.94 16.86
CA ASN A 102 -41.53 -2.47 17.17
C ASN A 102 -41.58 -0.96 17.42
N GLN A 103 -40.62 -0.46 18.19
CA GLN A 103 -40.59 0.95 18.56
C GLN A 103 -40.24 1.85 17.37
N LYS A 104 -39.31 1.41 16.53
CA LYS A 104 -38.94 2.17 15.34
C LYS A 104 -40.02 2.10 14.26
N SER A 105 -40.80 1.02 14.28
CA SER A 105 -41.88 0.86 13.31
C SER A 105 -42.99 1.88 13.51
N GLN A 106 -42.99 2.53 14.66
CA GLN A 106 -43.99 3.54 14.97
C GLN A 106 -43.68 4.88 14.32
N GLU A 107 -42.42 5.07 13.93
CA GLU A 107 -41.97 6.33 13.36
C GLU A 107 -42.64 6.63 12.01
N GLU A 108 -43.00 7.89 11.83
CA GLU A 108 -43.58 8.34 10.57
C GLU A 108 -42.56 8.27 9.45
N GLY A 109 -43.01 7.91 8.25
CA GLY A 109 -42.16 7.94 7.07
C GLY A 109 -41.29 6.72 6.86
N LEU A 110 -40.26 6.88 6.03
CA LEU A 110 -39.37 5.78 5.66
C LEU A 110 -38.04 5.90 6.40
N HIS A 111 -37.68 4.86 7.15
CA HIS A 111 -36.43 4.86 7.91
C HIS A 111 -35.66 3.56 7.74
N THR A 112 -34.39 3.59 8.09
CA THR A 112 -33.49 2.46 7.86
C THR A 112 -32.87 1.93 9.15
N LEU A 113 -33.18 0.69 9.50
CA LEU A 113 -32.57 0.04 10.66
C LEU A 113 -31.54 -0.98 10.23
N GLN A 114 -30.32 -0.84 10.75
CA GLN A 114 -29.22 -1.75 10.42
C GLN A 114 -28.57 -2.29 11.67
N ALA A 115 -27.95 -3.45 11.56
CA ALA A 115 -27.16 -3.99 12.64
C ALA A 115 -25.91 -4.64 12.09
N THR A 116 -24.79 -4.48 12.78
CA THR A 116 -23.64 -5.30 12.48
C THR A 116 -23.19 -5.95 13.77
N LEU A 117 -22.86 -7.23 13.70
CA LEU A 117 -22.54 -7.96 14.92
C LEU A 117 -21.70 -9.17 14.59
N GLY A 118 -21.06 -9.74 15.59
CA GLY A 118 -20.27 -10.93 15.38
C GLY A 118 -19.16 -11.10 16.40
N CYS A 119 -18.13 -11.85 16.02
CA CYS A 119 -17.06 -12.17 16.94
C CYS A 119 -15.75 -12.29 16.20
N GLU A 120 -14.66 -12.12 16.93
CA GLU A 120 -13.33 -12.15 16.36
C GLU A 120 -12.46 -13.15 17.12
N LEU A 121 -11.94 -14.13 16.41
CA LEU A 121 -11.03 -15.11 17.01
C LEU A 121 -9.61 -14.55 17.04
N LEU A 122 -9.06 -14.39 18.23
CA LEU A 122 -7.70 -13.90 18.37
C LEU A 122 -6.72 -15.07 18.29
N SER A 123 -5.50 -14.79 17.86
CA SER A 123 -4.49 -15.82 17.67
C SER A 123 -4.12 -16.53 18.98
N ASN A 124 -4.50 -15.93 20.11
CA ASN A 124 -4.28 -16.54 21.40
C ASN A 124 -5.50 -17.35 21.86
N GLY A 125 -6.42 -17.63 20.93
CA GLY A 125 -7.54 -18.51 21.19
C GLY A 125 -8.77 -17.89 21.84
N SER A 126 -8.66 -16.64 22.27
CA SER A 126 -9.78 -15.98 22.93
C SER A 126 -10.71 -15.30 21.91
N THR A 127 -11.85 -14.81 22.38
CA THR A 127 -12.90 -14.29 21.50
C THR A 127 -13.36 -12.88 21.89
N ARG A 128 -13.41 -11.99 20.90
CA ARG A 128 -13.95 -10.64 21.07
C ARG A 128 -15.25 -10.47 20.29
N GLY A 129 -16.34 -10.19 21.00
CA GLY A 129 -17.63 -9.99 20.36
C GLY A 129 -18.00 -8.52 20.18
N PHE A 130 -18.93 -8.25 19.28
CA PHE A 130 -19.40 -6.88 19.05
C PHE A 130 -20.83 -6.88 18.54
N TRP A 131 -21.54 -5.78 18.80
CA TRP A 131 -22.90 -5.62 18.29
C TRP A 131 -23.28 -4.14 18.24
N HIS A 132 -23.47 -3.63 17.03
CA HIS A 132 -23.86 -2.24 16.83
C HIS A 132 -25.17 -2.14 16.05
N LEU A 133 -25.98 -1.14 16.40
CA LEU A 133 -27.17 -0.84 15.61
C LEU A 133 -27.01 0.52 14.96
N GLY A 134 -27.58 0.67 13.78
CA GLY A 134 -27.54 1.93 13.06
C GLY A 134 -28.95 2.32 12.65
N TYR A 135 -29.24 3.61 12.72
CA TYR A 135 -30.56 4.10 12.36
C TYR A 135 -30.42 5.31 11.44
N ASP A 136 -31.07 5.22 10.28
CA ASP A 136 -30.97 6.25 9.25
C ASP A 136 -29.53 6.61 8.93
N GLY A 137 -28.67 5.60 8.86
CA GLY A 137 -27.30 5.78 8.43
C GLY A 137 -26.35 6.35 9.48
N GLN A 138 -26.82 6.47 10.71
CA GLN A 138 -25.99 6.98 11.80
C GLN A 138 -25.87 5.95 12.92
N ASN A 139 -24.76 5.99 13.65
CA ASN A 139 -24.62 5.21 14.87
C ASN A 139 -25.85 5.39 15.76
N PHE A 140 -26.28 4.30 16.37
CA PHE A 140 -27.52 4.29 17.16
C PHE A 140 -27.23 3.71 18.53
N LEU A 141 -26.99 2.40 18.58
CA LEU A 141 -26.64 1.73 19.83
C LEU A 141 -25.36 0.92 19.68
N THR A 142 -24.69 0.68 20.80
CA THR A 142 -23.50 -0.17 20.82
C THR A 142 -23.49 -0.97 22.10
N PHE A 143 -23.30 -2.28 21.99
CA PHE A 143 -23.28 -3.12 23.19
C PHE A 143 -21.90 -3.09 23.83
N ASP A 144 -21.85 -2.69 25.09
CA ASP A 144 -20.59 -2.58 25.80
C ASP A 144 -20.19 -3.93 26.40
N GLN A 145 -19.16 -4.54 25.81
CA GLN A 145 -18.71 -5.87 26.20
C GLN A 145 -18.31 -5.94 27.67
N LYS A 146 -17.63 -4.90 28.15
CA LYS A 146 -17.18 -4.84 29.54
C LYS A 146 -18.36 -4.65 30.49
N THR A 147 -19.24 -3.72 30.14
CA THR A 147 -20.34 -3.30 31.00
C THR A 147 -21.54 -4.25 30.92
N LEU A 148 -21.71 -4.89 29.76
CA LEU A 148 -22.86 -5.74 29.45
C LEU A 148 -24.16 -4.93 29.42
N THR A 149 -24.07 -3.71 28.90
CA THR A 149 -25.24 -2.85 28.73
C THR A 149 -25.13 -2.12 27.40
N TRP A 150 -26.26 -1.65 26.88
CA TRP A 150 -26.28 -0.91 25.64
C TRP A 150 -25.91 0.56 25.81
N THR A 151 -25.02 1.04 24.95
CA THR A 151 -24.66 2.44 24.92
C THR A 151 -25.41 3.17 23.81
N VAL A 152 -26.04 4.29 24.14
CA VAL A 152 -26.61 5.15 23.11
C VAL A 152 -25.51 6.03 22.50
N ASP A 153 -25.29 5.92 21.20
CA ASP A 153 -24.13 6.52 20.56
C ASP A 153 -24.29 8.00 20.18
N GLY A 154 -25.48 8.41 19.76
CA GLY A 154 -25.69 9.78 19.36
C GLY A 154 -26.05 10.68 20.52
N PRO A 155 -26.20 12.00 20.26
CA PRO A 155 -26.72 12.92 21.27
C PRO A 155 -28.09 12.46 21.76
N SER A 156 -28.30 12.47 23.07
CA SER A 156 -29.51 11.87 23.63
C SER A 156 -29.84 12.36 25.02
N THR A 157 -31.11 12.65 25.25
CA THR A 157 -31.60 12.91 26.60
C THR A 157 -31.39 11.68 27.47
N GLN A 158 -31.31 11.90 28.79
CA GLN A 158 -31.21 10.79 29.74
C GLN A 158 -32.44 9.89 29.66
N GLN A 159 -33.60 10.50 29.41
CA GLN A 159 -34.84 9.76 29.25
C GLN A 159 -34.76 8.76 28.09
N ASN A 160 -34.22 9.20 26.97
CA ASN A 160 -34.11 8.33 25.81
C ASN A 160 -33.02 7.26 25.99
N LYS A 161 -31.96 7.60 26.70
CA LYS A 161 -30.92 6.62 27.03
C LYS A 161 -31.50 5.46 27.82
N MET A 162 -32.21 5.79 28.90
CA MET A 162 -32.86 4.79 29.74
C MET A 162 -33.87 3.97 28.94
N PHE A 163 -34.66 4.66 28.12
CA PHE A 163 -35.62 4.01 27.25
C PHE A 163 -34.99 2.91 26.39
N TRP A 164 -33.89 3.24 25.71
CA TRP A 164 -33.26 2.30 24.79
C TRP A 164 -32.44 1.25 25.53
N LYS A 165 -31.96 1.59 26.72
CA LYS A 165 -31.23 0.62 27.54
C LYS A 165 -32.13 -0.55 27.96
N THR A 166 -33.44 -0.32 27.98
CA THR A 166 -34.39 -1.34 28.42
C THR A 166 -35.08 -2.07 27.26
N HIS A 167 -35.14 -1.42 26.09
CA HIS A 167 -35.83 -2.01 24.94
C HIS A 167 -34.88 -2.64 23.95
N ALA A 168 -33.58 -2.46 24.16
CA ALA A 168 -32.57 -3.08 23.32
C ALA A 168 -32.45 -4.56 23.70
N PRO A 169 -31.91 -5.40 22.79
CA PRO A 169 -31.75 -6.84 23.04
C PRO A 169 -31.23 -7.18 24.44
N ARG A 170 -31.92 -8.09 25.14
CA ARG A 170 -31.57 -8.44 26.51
C ARG A 170 -30.12 -8.85 26.63
N ALA A 171 -29.44 -8.30 27.64
CA ALA A 171 -28.00 -8.47 27.79
C ALA A 171 -27.56 -9.92 27.92
N ASP A 172 -28.36 -10.74 28.60
CA ASP A 172 -27.98 -12.14 28.79
C ASP A 172 -28.09 -12.90 27.47
N LEU A 173 -29.08 -12.56 26.65
CA LEU A 173 -29.22 -13.17 25.34
C LEU A 173 -28.08 -12.74 24.42
N VAL A 174 -27.76 -11.45 24.45
CA VAL A 174 -26.67 -10.90 23.65
C VAL A 174 -25.36 -11.60 23.95
N LYS A 175 -25.05 -11.74 25.25
CA LYS A 175 -23.75 -12.25 25.65
C LYS A 175 -23.60 -13.74 25.30
N THR A 176 -24.67 -14.51 25.43
CA THR A 176 -24.59 -15.93 25.08
C THR A 176 -24.33 -16.06 23.58
N PHE A 177 -25.04 -15.27 22.79
CA PHE A 177 -24.86 -15.31 21.34
C PHE A 177 -23.44 -14.89 20.94
N LEU A 178 -22.94 -13.80 21.51
CA LEU A 178 -21.62 -13.30 21.12
C LEU A 178 -20.47 -14.12 21.70
N ASP A 179 -20.65 -14.66 22.90
CA ASP A 179 -19.56 -15.38 23.57
C ASP A 179 -19.57 -16.88 23.30
N ASP A 180 -20.74 -17.44 23.02
CA ASP A 180 -20.84 -18.89 22.85
C ASP A 180 -21.27 -19.32 21.45
N ILE A 181 -22.38 -18.76 20.95
CA ILE A 181 -22.97 -19.21 19.70
C ILE A 181 -22.17 -18.77 18.48
N CYS A 182 -21.94 -17.46 18.33
CA CYS A 182 -21.15 -16.93 17.22
C CYS A 182 -19.76 -17.58 17.10
N PRO A 183 -19.01 -17.72 18.22
CA PRO A 183 -17.70 -18.39 18.08
C PRO A 183 -17.81 -19.83 17.59
N ALA A 184 -18.84 -20.55 18.01
CA ALA A 184 -19.03 -21.92 17.56
C ALA A 184 -19.35 -21.97 16.06
N HIS A 185 -20.17 -21.03 15.60
CA HIS A 185 -20.47 -20.89 14.18
C HIS A 185 -19.21 -20.62 13.37
N LEU A 186 -18.42 -19.64 13.82
CA LEU A 186 -17.18 -19.27 13.15
C LEU A 186 -16.25 -20.46 13.01
N GLN A 187 -16.16 -21.25 14.08
CA GLN A 187 -15.31 -22.43 14.07
C GLN A 187 -15.79 -23.45 13.04
N ARG A 188 -17.10 -23.64 12.98
CA ARG A 188 -17.68 -24.57 12.03
C ARG A 188 -17.48 -24.06 10.60
N TYR A 189 -17.63 -22.75 10.39
CA TYR A 189 -17.41 -22.14 9.09
C TYR A 189 -15.96 -22.29 8.63
N LEU A 190 -15.02 -22.03 9.54
CA LEU A 190 -13.61 -22.07 9.21
C LEU A 190 -13.15 -23.46 8.75
N ALA A 191 -13.76 -24.49 9.34
CA ALA A 191 -13.46 -25.86 8.96
C ALA A 191 -13.91 -26.13 7.51
N SER A 192 -15.14 -25.71 7.19
CA SER A 192 -15.69 -25.88 5.86
C SER A 192 -14.97 -25.04 4.82
N LEU A 193 -14.22 -24.03 5.27
CA LEU A 193 -13.52 -23.14 4.37
C LEU A 193 -12.12 -23.63 4.05
N ARG A 194 -11.51 -24.32 5.01
CA ARG A 194 -10.12 -24.79 4.92
C ARG A 194 -9.74 -25.35 3.55
N ASN A 195 -10.69 -26.04 2.92
CA ASN A 195 -10.53 -26.51 1.54
C ASN A 195 -10.22 -25.37 0.58
N GLY A 196 -9.05 -24.76 0.73
CA GLY A 196 -8.67 -23.61 -0.09
C GLY A 196 -8.49 -23.99 -1.55
N THR A 200 -6.16 -20.41 -8.04
CA THR A 200 -5.36 -19.48 -7.26
C THR A 200 -4.61 -18.51 -8.18
N GLY A 201 -3.29 -18.55 -8.14
CA GLY A 201 -2.47 -17.71 -8.99
C GLY A 201 -1.93 -16.50 -8.24
N PRO A 202 -0.86 -15.89 -8.77
CA PRO A 202 -0.26 -14.70 -8.18
C PRO A 202 -0.97 -13.42 -8.61
N PRO A 203 -0.81 -12.34 -7.85
CA PRO A 203 -1.29 -11.03 -8.30
C PRO A 203 -0.57 -10.60 -9.58
N MET A 204 -1.15 -9.67 -10.33
CA MET A 204 -0.48 -9.13 -11.49
C MET A 204 -0.66 -7.62 -11.55
N VAL A 205 0.26 -6.94 -12.22
CA VAL A 205 0.21 -5.49 -12.34
C VAL A 205 0.28 -5.09 -13.80
N THR A 206 -0.53 -4.10 -14.19
CA THR A 206 -0.41 -3.49 -15.51
C THR A 206 -0.18 -1.99 -15.37
N VAL A 207 0.51 -1.42 -16.34
CA VAL A 207 0.68 0.03 -16.39
C VAL A 207 0.24 0.54 -17.75
N THR A 208 -0.69 1.50 -17.76
CA THR A 208 -1.12 2.11 -19.02
C THR A 208 -0.83 3.59 -19.02
N CYS A 209 -0.69 4.15 -20.22
CA CYS A 209 -0.43 5.57 -20.39
C CYS A 209 -1.50 6.21 -21.26
N ARG A 210 -1.87 7.44 -20.95
CA ARG A 210 -2.79 8.20 -21.79
C ARG A 210 -2.37 9.66 -21.88
N ASN A 211 -2.35 10.19 -23.10
CA ASN A 211 -2.04 11.61 -23.30
C ASN A 211 -3.20 12.49 -22.84
N TYR A 212 -3.34 12.62 -21.53
CA TYR A 212 -4.45 13.35 -20.93
C TYR A 212 -4.11 13.72 -19.48
N PRO A 213 -4.46 14.95 -19.07
CA PRO A 213 -5.04 16.02 -19.90
C PRO A 213 -4.03 16.67 -20.84
N VAL A 214 -4.41 17.82 -21.40
CA VAL A 214 -3.77 18.45 -22.56
C VAL A 214 -2.24 18.31 -22.66
N GLY A 215 -1.52 18.81 -21.66
CA GLY A 215 -0.07 18.79 -21.71
C GLY A 215 0.54 17.74 -20.80
N ARG A 216 -0.22 16.69 -20.49
CA ARG A 216 0.22 15.68 -19.54
C ARG A 216 0.07 14.27 -20.07
N VAL A 217 0.69 13.34 -19.36
CA VAL A 217 0.46 11.92 -19.59
C VAL A 217 -0.01 11.31 -18.27
N THR A 218 -1.19 10.71 -18.29
CA THR A 218 -1.69 10.04 -17.09
C THR A 218 -1.20 8.59 -17.06
N LEU A 219 -0.41 8.27 -16.04
CA LEU A 219 0.07 6.90 -15.84
C LEU A 219 -0.86 6.19 -14.89
N THR A 220 -1.41 5.05 -15.31
CA THR A 220 -2.32 4.31 -14.44
C THR A 220 -1.78 2.92 -14.14
N CYS A 221 -1.63 2.65 -12.85
CA CYS A 221 -1.20 1.34 -12.40
C CYS A 221 -2.38 0.55 -11.84
N ARG A 222 -2.60 -0.65 -12.36
CA ARG A 222 -3.67 -1.51 -11.85
C ARG A 222 -3.12 -2.84 -11.37
N ALA A 223 -3.60 -3.28 -10.21
CA ALA A 223 -3.25 -4.60 -9.69
C ALA A 223 -4.47 -5.50 -9.76
N PHE A 224 -4.31 -6.69 -10.35
CA PHE A 224 -5.40 -7.65 -10.48
C PHE A 224 -5.15 -8.91 -9.67
N ASN A 225 -6.20 -9.68 -9.47
CA ASN A 225 -6.11 -11.02 -8.92
C ASN A 225 -5.57 -11.04 -7.51
N LEU A 226 -6.02 -10.07 -6.71
CA LEU A 226 -5.70 -10.05 -5.29
C LEU A 226 -6.64 -11.00 -4.57
N TYR A 227 -6.07 -11.90 -3.77
CA TYR A 227 -6.86 -12.94 -3.10
C TYR A 227 -7.58 -12.42 -1.86
N THR A 228 -7.03 -11.37 -1.27
CA THR A 228 -7.67 -10.72 -0.12
C THR A 228 -7.87 -9.24 -0.40
N ARG A 229 -8.45 -8.52 0.56
CA ARG A 229 -8.75 -7.11 0.38
C ARG A 229 -7.66 -6.19 0.89
N GLU A 230 -6.45 -6.72 1.02
CA GLU A 230 -5.32 -5.92 1.51
C GLU A 230 -4.21 -5.82 0.47
N ALA A 231 -3.84 -4.58 0.15
CA ALA A 231 -2.78 -4.33 -0.82
C ALA A 231 -2.32 -2.89 -0.74
N THR A 232 -1.09 -2.63 -1.18
CA THR A 232 -0.60 -1.27 -1.30
C THR A 232 0.01 -1.07 -2.68
N LEU A 233 -0.29 0.08 -3.27
CA LEU A 233 0.32 0.48 -4.53
C LEU A 233 1.07 1.78 -4.30
N VAL A 234 2.27 1.88 -4.85
CA VAL A 234 3.04 3.11 -4.73
C VAL A 234 3.68 3.44 -6.08
N TRP A 235 3.56 4.70 -6.49
CA TRP A 235 4.30 5.19 -7.63
C TRP A 235 5.65 5.70 -7.15
N LEU A 236 6.71 5.27 -7.83
CA LEU A 236 8.07 5.62 -7.44
C LEU A 236 8.76 6.43 -8.52
N GLN A 237 9.39 7.53 -8.12
CA GLN A 237 10.23 8.30 -9.03
C GLN A 237 11.66 8.30 -8.50
N ASP A 238 12.56 7.68 -9.25
CA ASP A 238 13.94 7.50 -8.83
C ASP A 238 14.00 6.90 -7.42
N GLY A 239 13.23 5.83 -7.20
CA GLY A 239 13.24 5.12 -5.93
C GLY A 239 12.45 5.79 -4.83
N LYS A 240 11.89 6.97 -5.11
CA LYS A 240 11.18 7.74 -4.10
C LYS A 240 9.68 7.76 -4.35
N PRO A 241 8.88 7.50 -3.31
CA PRO A 241 7.42 7.46 -3.45
C PRO A 241 6.84 8.84 -3.75
N VAL A 242 6.06 8.92 -4.82
CA VAL A 242 5.44 10.19 -5.20
C VAL A 242 3.92 10.11 -5.00
N GLN A 243 3.41 8.89 -5.02
CA GLN A 243 2.01 8.64 -4.67
C GLN A 243 1.91 7.24 -4.06
N GLN A 244 1.17 7.13 -2.97
CA GLN A 244 1.04 5.88 -2.25
C GLN A 244 -0.40 5.69 -1.80
N LYS A 245 -0.91 4.47 -1.98
CA LYS A 245 -2.25 4.15 -1.49
C LYS A 245 -2.28 2.76 -0.88
N THR A 246 -2.83 2.68 0.33
CA THR A 246 -3.07 1.40 0.99
C THR A 246 -4.54 1.04 0.86
N PHE A 247 -4.82 -0.12 0.29
CA PHE A 247 -6.19 -0.55 0.08
C PHE A 247 -6.62 -1.54 1.14
N ARG A 248 -7.84 -1.37 1.65
CA ARG A 248 -8.38 -2.23 2.68
C ARG A 248 -9.79 -2.68 2.32
N SER A 249 -10.43 -3.40 3.24
CA SER A 249 -11.73 -4.02 3.02
C SER A 249 -12.77 -3.14 2.33
N GLU A 250 -12.74 -1.83 2.62
CA GLU A 250 -13.80 -0.95 2.17
C GLU A 250 -13.37 0.03 1.07
N THR A 251 -12.13 -0.09 0.59
CA THR A 251 -11.64 0.80 -0.45
C THR A 251 -11.12 0.05 -1.67
N ILE A 252 -10.82 -1.24 -1.49
CA ILE A 252 -10.36 -2.07 -2.60
C ILE A 252 -11.52 -2.42 -3.53
N LEU A 253 -11.22 -2.61 -4.82
CA LEU A 253 -12.26 -2.86 -5.80
C LEU A 253 -12.55 -4.34 -6.00
N PRO A 254 -13.81 -4.74 -5.84
CA PRO A 254 -14.19 -6.12 -6.17
C PRO A 254 -14.17 -6.34 -7.68
N SER A 255 -13.45 -7.36 -8.13
CA SER A 255 -13.42 -7.69 -9.55
C SER A 255 -14.67 -8.44 -9.98
N GLY A 256 -15.37 -9.03 -9.01
CA GLY A 256 -16.64 -9.69 -9.27
C GLY A 256 -16.59 -11.20 -9.30
N ASP A 257 -15.38 -11.76 -9.37
CA ASP A 257 -15.22 -13.21 -9.41
C ASP A 257 -14.69 -13.76 -8.09
N GLY A 258 -14.73 -12.94 -7.04
CA GLY A 258 -14.21 -13.35 -5.75
C GLY A 258 -12.79 -12.86 -5.51
N THR A 259 -12.18 -12.25 -6.53
CA THR A 259 -10.87 -11.63 -6.35
C THR A 259 -10.98 -10.11 -6.39
N TYR A 260 -9.91 -9.44 -6.01
CA TYR A 260 -9.95 -7.99 -5.86
C TYR A 260 -8.90 -7.29 -6.70
N GLN A 261 -9.12 -6.01 -6.94
CA GLN A 261 -8.18 -5.24 -7.72
C GLN A 261 -8.05 -3.83 -7.15
N ALA A 262 -7.04 -3.11 -7.62
CA ALA A 262 -6.75 -1.77 -7.12
C ALA A 262 -6.18 -0.89 -8.23
N ARG A 263 -6.14 0.41 -7.99
CA ARG A 263 -5.76 1.36 -9.04
C ARG A 263 -5.19 2.64 -8.43
N VAL A 264 -4.09 3.13 -9.01
CA VAL A 264 -3.53 4.43 -8.64
C VAL A 264 -3.01 5.12 -9.90
N SER A 265 -3.38 6.38 -10.07
CA SER A 265 -2.91 7.15 -11.22
C SER A 265 -2.12 8.37 -10.80
N ILE A 266 -1.23 8.82 -11.68
CA ILE A 266 -0.50 10.08 -11.52
C ILE A 266 -0.40 10.78 -12.86
N ARG A 267 -0.15 12.08 -12.83
CA ARG A 267 0.07 12.84 -14.05
C ARG A 267 1.51 13.31 -14.12
N VAL A 268 2.16 13.05 -15.25
CA VAL A 268 3.53 13.46 -15.45
C VAL A 268 3.62 14.21 -16.76
N LEU A 269 4.78 14.80 -17.03
CA LEU A 269 5.02 15.50 -18.27
C LEU A 269 5.46 14.52 -19.36
N PRO A 270 5.10 14.81 -20.62
CA PRO A 270 5.48 13.97 -21.77
C PRO A 270 6.98 13.68 -21.80
N GLY A 271 7.34 12.41 -21.90
CA GLY A 271 8.74 12.02 -21.96
C GLY A 271 9.30 11.60 -20.61
N GLN A 272 8.52 11.77 -19.55
CA GLN A 272 8.98 11.44 -18.20
C GLN A 272 8.68 10.00 -17.79
N GLU A 273 7.87 9.31 -18.59
CA GLU A 273 7.37 7.98 -18.22
C GLU A 273 8.44 6.98 -17.73
N PRO A 274 9.60 6.89 -18.42
CA PRO A 274 10.64 5.96 -17.94
C PRO A 274 11.08 6.18 -16.49
N GLN A 275 10.90 7.38 -15.95
CA GLN A 275 11.32 7.68 -14.59
C GLN A 275 10.43 7.04 -13.52
N PHE A 276 9.26 6.56 -13.93
CA PHE A 276 8.25 6.15 -12.96
C PHE A 276 7.98 4.65 -12.97
N SER A 277 7.96 4.05 -11.78
CA SER A 277 7.65 2.64 -11.63
C SER A 277 6.55 2.46 -10.59
N CYS A 278 5.69 1.47 -10.82
CA CYS A 278 4.64 1.13 -9.87
C CYS A 278 4.99 -0.14 -9.09
N ASN A 279 4.85 -0.09 -7.77
CA ASN A 279 5.21 -1.24 -6.94
C ASN A 279 4.01 -1.73 -6.13
N LEU A 280 3.64 -2.98 -6.37
CA LEU A 280 2.54 -3.60 -5.63
C LEU A 280 3.06 -4.47 -4.48
N ARG A 281 2.48 -4.28 -3.30
CA ARG A 281 2.68 -5.22 -2.21
C ARG A 281 1.34 -5.91 -1.90
N HIS A 282 1.33 -7.23 -1.95
CA HIS A 282 0.13 -7.99 -1.61
C HIS A 282 0.52 -9.34 -1.02
N GLY A 283 0.19 -9.54 0.25
CA GLY A 283 0.58 -10.75 0.95
C GLY A 283 2.08 -10.86 0.99
N ASN A 284 2.61 -11.96 0.48
CA ASN A 284 4.05 -12.18 0.47
C ASN A 284 4.70 -11.65 -0.80
N HIS A 285 3.88 -11.16 -1.73
CA HIS A 285 4.36 -10.70 -3.03
C HIS A 285 4.76 -9.24 -3.04
N SER A 286 5.85 -8.95 -3.75
CA SER A 286 6.16 -7.58 -4.15
C SER A 286 6.47 -7.61 -5.64
N ILE A 287 5.75 -6.78 -6.39
CA ILE A 287 5.86 -6.74 -7.84
C ILE A 287 6.07 -5.30 -8.28
N MET A 288 7.01 -5.08 -9.20
CA MET A 288 7.23 -3.74 -9.72
C MET A 288 7.19 -3.72 -11.24
N GLN A 289 6.51 -2.71 -11.80
CA GLN A 289 6.53 -2.51 -13.24
C GLN A 289 6.82 -1.06 -13.59
N THR A 290 7.77 -0.87 -14.50
CA THR A 290 8.17 0.47 -14.93
C THR A 290 7.34 0.92 -16.13
N ALA A 291 6.99 2.20 -16.15
CA ALA A 291 6.20 2.76 -17.25
C ALA A 291 7.08 2.99 -18.47
N ILE B 2 -27.42 13.72 6.55
CA ILE B 2 -28.46 12.70 6.58
C ILE B 2 -28.47 11.88 5.28
N GLN B 3 -28.19 12.52 4.15
CA GLN B 3 -28.10 11.82 2.88
C GLN B 3 -26.68 11.81 2.34
N LYS B 4 -26.24 10.66 1.83
CA LYS B 4 -24.88 10.47 1.36
C LYS B 4 -24.84 10.21 -0.14
N THR B 5 -24.03 11.00 -0.84
CA THR B 5 -23.89 10.92 -2.29
C THR B 5 -23.07 9.71 -2.73
N PRO B 6 -23.56 8.94 -3.71
CA PRO B 6 -22.85 7.75 -4.17
C PRO B 6 -21.52 8.06 -4.85
N GLN B 7 -20.50 7.24 -4.58
CA GLN B 7 -19.28 7.24 -5.38
C GLN B 7 -19.42 6.17 -6.45
N ILE B 8 -19.00 6.49 -7.67
CA ILE B 8 -19.22 5.61 -8.81
C ILE B 8 -17.92 5.28 -9.52
N GLN B 9 -17.53 4.01 -9.51
CA GLN B 9 -16.32 3.58 -10.20
C GLN B 9 -16.63 2.56 -11.29
N VAL B 10 -16.08 2.79 -12.49
CA VAL B 10 -16.32 1.93 -13.64
C VAL B 10 -15.00 1.37 -14.15
N TYR B 11 -14.91 0.05 -14.23
CA TYR B 11 -13.64 -0.62 -14.51
C TYR B 11 -13.85 -2.06 -14.98
N SER B 12 -12.93 -2.54 -15.81
CA SER B 12 -13.01 -3.90 -16.34
C SER B 12 -12.54 -4.91 -15.31
N ARG B 13 -13.08 -6.12 -15.38
CA ARG B 13 -12.67 -7.18 -14.46
C ARG B 13 -11.25 -7.63 -14.77
N HIS B 14 -10.93 -7.71 -16.06
CA HIS B 14 -9.61 -8.13 -16.52
C HIS B 14 -8.94 -6.99 -17.29
N PRO B 15 -7.61 -7.06 -17.46
CA PRO B 15 -6.95 -6.11 -18.38
C PRO B 15 -7.61 -6.15 -19.75
N PRO B 16 -8.13 -5.01 -20.22
CA PRO B 16 -8.92 -4.98 -21.46
C PRO B 16 -8.06 -5.14 -22.72
N GLU B 17 -8.58 -5.91 -23.67
CA GLU B 17 -7.98 -6.02 -24.99
C GLU B 17 -9.11 -6.00 -26.00
N ASN B 18 -8.95 -5.21 -27.06
CA ASN B 18 -9.97 -5.12 -28.10
C ASN B 18 -10.33 -6.48 -28.68
N GLY B 19 -11.62 -6.74 -28.81
CA GLY B 19 -12.10 -7.96 -29.41
C GLY B 19 -12.14 -9.16 -28.49
N LYS B 20 -11.67 -9.00 -27.26
CA LYS B 20 -11.69 -10.09 -26.29
C LYS B 20 -12.76 -9.88 -25.22
N PRO B 21 -13.65 -10.89 -25.03
CA PRO B 21 -14.71 -10.89 -24.02
C PRO B 21 -14.19 -10.54 -22.63
N ASN B 22 -14.88 -9.61 -21.98
CA ASN B 22 -14.50 -9.14 -20.66
C ASN B 22 -15.76 -8.86 -19.84
N ILE B 23 -15.59 -8.27 -18.66
CA ILE B 23 -16.73 -7.88 -17.85
C ILE B 23 -16.54 -6.46 -17.31
N LEU B 24 -17.56 -5.62 -17.52
CA LEU B 24 -17.50 -4.24 -17.07
C LEU B 24 -18.21 -4.08 -15.74
N ASN B 25 -17.47 -3.64 -14.73
CA ASN B 25 -18.02 -3.42 -13.40
C ASN B 25 -18.43 -1.97 -13.19
N CYS B 26 -19.54 -1.78 -12.47
CA CYS B 26 -19.92 -0.46 -12.01
C CYS B 26 -20.15 -0.57 -10.51
N TYR B 27 -19.21 -0.02 -9.75
CA TYR B 27 -19.16 -0.18 -8.30
C TYR B 27 -19.64 1.11 -7.63
N VAL B 28 -20.80 1.04 -6.99
CA VAL B 28 -21.45 2.22 -6.43
C VAL B 28 -21.46 2.15 -4.92
N THR B 29 -20.82 3.14 -4.27
CA THR B 29 -20.54 3.03 -2.85
C THR B 29 -20.90 4.28 -2.06
N GLN B 30 -20.90 4.13 -0.74
CA GLN B 30 -20.96 5.25 0.19
C GLN B 30 -22.24 6.07 0.07
N PHE B 31 -23.36 5.43 -0.26
CA PHE B 31 -24.60 6.16 -0.38
C PHE B 31 -25.61 5.83 0.72
N HIS B 32 -26.55 6.75 0.91
CA HIS B 32 -27.68 6.58 1.83
C HIS B 32 -28.72 7.62 1.45
N PRO B 33 -30.01 7.25 1.44
CA PRO B 33 -30.67 5.97 1.78
C PRO B 33 -30.38 4.85 0.77
N PRO B 34 -30.72 3.59 1.11
CA PRO B 34 -30.34 2.46 0.26
C PRO B 34 -31.00 2.44 -1.13
N HIS B 35 -32.12 3.15 -1.29
CA HIS B 35 -32.83 3.13 -2.57
C HIS B 35 -32.02 3.82 -3.67
N ILE B 36 -31.79 3.11 -4.78
CA ILE B 36 -30.96 3.64 -5.85
C ILE B 36 -31.30 3.01 -7.19
N GLU B 37 -31.04 3.74 -8.28
CA GLU B 37 -31.25 3.21 -9.62
C GLU B 37 -29.95 3.23 -10.40
N ILE B 38 -29.57 2.08 -10.96
CA ILE B 38 -28.32 1.97 -11.68
C ILE B 38 -28.54 1.40 -13.07
N GLN B 39 -28.01 2.09 -14.07
CA GLN B 39 -28.07 1.62 -15.44
C GLN B 39 -26.68 1.62 -16.07
N MET B 40 -26.41 0.62 -16.89
CA MET B 40 -25.16 0.57 -17.63
C MET B 40 -25.47 0.81 -19.10
N LEU B 41 -24.64 1.62 -19.75
CA LEU B 41 -24.94 2.06 -21.12
C LEU B 41 -23.88 1.62 -22.12
N LYS B 42 -24.32 1.22 -23.30
CA LYS B 42 -23.43 0.97 -24.43
C LYS B 42 -23.83 1.89 -25.59
N ASN B 43 -22.92 2.78 -25.95
CA ASN B 43 -23.19 3.79 -26.98
C ASN B 43 -24.45 4.59 -26.69
N GLY B 44 -24.66 4.93 -25.42
CA GLY B 44 -25.77 5.77 -25.02
C GLY B 44 -27.06 5.04 -24.69
N LYS B 45 -27.13 3.77 -25.09
CA LYS B 45 -28.35 2.99 -24.87
C LYS B 45 -28.20 1.93 -23.77
N LYS B 46 -29.29 1.70 -23.03
CA LYS B 46 -29.30 0.80 -21.87
C LYS B 46 -28.97 -0.64 -22.28
N ILE B 47 -28.08 -1.27 -21.51
CA ILE B 47 -27.74 -2.67 -21.67
C ILE B 47 -28.75 -3.52 -20.90
N PRO B 48 -29.49 -4.37 -21.61
CA PRO B 48 -30.62 -5.13 -21.06
C PRO B 48 -30.27 -6.05 -19.89
N LYS B 49 -29.26 -6.89 -20.04
CA LYS B 49 -28.92 -7.85 -19.00
C LYS B 49 -27.76 -7.36 -18.13
N VAL B 50 -28.10 -6.73 -17.02
CA VAL B 50 -27.10 -6.29 -16.06
C VAL B 50 -27.30 -7.01 -14.73
N GLU B 51 -26.28 -7.72 -14.27
CA GLU B 51 -26.34 -8.42 -12.99
C GLU B 51 -26.02 -7.45 -11.87
N MET B 52 -26.58 -7.70 -10.69
CA MET B 52 -26.28 -6.85 -9.54
C MET B 52 -26.12 -7.66 -8.27
N SER B 53 -25.15 -7.28 -7.44
CA SER B 53 -24.92 -7.97 -6.19
C SER B 53 -25.99 -7.58 -5.19
N ASP B 54 -26.00 -8.24 -4.04
CA ASP B 54 -26.78 -7.76 -2.91
C ASP B 54 -26.25 -6.41 -2.48
N MET B 55 -27.13 -5.54 -2.02
CA MET B 55 -26.70 -4.27 -1.48
C MET B 55 -26.29 -4.45 -0.03
N SER B 56 -24.99 -4.34 0.23
CA SER B 56 -24.49 -4.43 1.59
C SER B 56 -24.09 -3.07 2.11
N PHE B 57 -23.44 -3.03 3.27
CA PHE B 57 -23.04 -1.77 3.83
C PHE B 57 -21.75 -1.90 4.61
N SER B 58 -21.09 -0.79 4.83
CA SER B 58 -19.78 -0.79 5.50
C SER B 58 -19.89 -0.31 6.95
N LYS B 59 -18.74 -0.17 7.60
CA LYS B 59 -18.67 0.20 9.02
C LYS B 59 -19.38 1.51 9.36
N ASP B 60 -19.36 2.48 8.45
CA ASP B 60 -20.07 3.73 8.69
C ASP B 60 -21.52 3.67 8.24
N TRP B 61 -22.01 2.46 7.99
CA TRP B 61 -23.41 2.17 7.62
C TRP B 61 -23.77 2.50 6.17
N SER B 62 -22.88 3.16 5.43
CA SER B 62 -23.23 3.55 4.07
C SER B 62 -23.26 2.33 3.14
N PHE B 63 -24.08 2.41 2.10
CA PHE B 63 -24.36 1.23 1.29
C PHE B 63 -23.46 1.09 0.08
N TYR B 64 -23.30 -0.14 -0.39
CA TYR B 64 -22.60 -0.37 -1.65
C TYR B 64 -23.21 -1.54 -2.42
N ILE B 65 -23.05 -1.49 -3.73
CA ILE B 65 -23.56 -2.52 -4.61
C ILE B 65 -22.68 -2.57 -5.85
N LEU B 66 -22.49 -3.78 -6.37
CA LEU B 66 -21.73 -3.95 -7.59
C LEU B 66 -22.63 -4.37 -8.75
N ALA B 67 -22.67 -3.55 -9.79
CA ALA B 67 -23.37 -3.90 -11.02
C ALA B 67 -22.34 -4.30 -12.07
N HIS B 68 -22.67 -5.30 -12.90
CA HIS B 68 -21.75 -5.68 -13.96
C HIS B 68 -22.47 -6.28 -15.16
N THR B 69 -21.79 -6.28 -16.30
CA THR B 69 -22.32 -6.85 -17.52
C THR B 69 -21.19 -7.37 -18.40
N GLU B 70 -21.49 -8.36 -19.21
CA GLU B 70 -20.51 -8.85 -20.17
C GLU B 70 -20.34 -7.82 -21.27
N PHE B 71 -19.11 -7.64 -21.72
CA PHE B 71 -18.86 -6.76 -22.86
C PHE B 71 -17.57 -7.16 -23.57
N THR B 72 -17.52 -6.86 -24.85
CA THR B 72 -16.32 -7.05 -25.65
C THR B 72 -15.82 -5.70 -26.10
N PRO B 73 -14.77 -5.18 -25.43
CA PRO B 73 -14.26 -3.84 -25.71
C PRO B 73 -13.77 -3.70 -27.14
N THR B 74 -14.16 -2.60 -27.78
CA THR B 74 -13.68 -2.28 -29.12
C THR B 74 -13.12 -0.86 -29.11
N GLU B 75 -12.57 -0.45 -30.24
CA GLU B 75 -11.96 0.87 -30.34
C GLU B 75 -13.01 1.98 -30.41
N THR B 76 -14.20 1.64 -30.88
CA THR B 76 -15.22 2.64 -31.15
C THR B 76 -16.37 2.67 -30.14
N ASP B 77 -16.61 1.55 -29.48
CA ASP B 77 -17.73 1.44 -28.54
C ASP B 77 -17.46 2.20 -27.25
N THR B 78 -18.44 2.99 -26.81
CA THR B 78 -18.34 3.70 -25.54
C THR B 78 -19.25 3.04 -24.50
N TYR B 79 -18.82 3.08 -23.25
CA TYR B 79 -19.59 2.49 -22.16
C TYR B 79 -19.68 3.45 -20.98
N ALA B 80 -20.82 3.43 -20.30
CA ALA B 80 -21.03 4.31 -19.16
C ALA B 80 -21.93 3.67 -18.12
N CYS B 81 -21.85 4.19 -16.90
CA CYS B 81 -22.77 3.80 -15.84
C CYS B 81 -23.53 5.04 -15.38
N ARG B 82 -24.84 4.91 -15.29
CA ARG B 82 -25.70 6.04 -14.92
C ARG B 82 -26.47 5.72 -13.65
N VAL B 83 -26.39 6.62 -12.68
CA VAL B 83 -26.92 6.35 -11.34
C VAL B 83 -27.88 7.44 -10.86
N LYS B 84 -29.02 7.05 -10.32
CA LYS B 84 -29.98 8.00 -9.79
C LYS B 84 -30.24 7.73 -8.32
N HIS B 85 -30.10 8.77 -7.50
CA HIS B 85 -30.21 8.65 -6.06
C HIS B 85 -30.78 9.95 -5.51
N ALA B 86 -31.52 9.87 -4.40
CA ALA B 86 -32.21 11.04 -3.85
C ALA B 86 -31.23 12.14 -3.42
N SER B 87 -29.97 11.77 -3.24
CA SER B 87 -28.95 12.75 -2.84
C SER B 87 -28.54 13.67 -3.98
N MET B 88 -28.92 13.29 -5.20
CA MET B 88 -28.54 14.06 -6.39
C MET B 88 -29.75 14.60 -7.14
N ALA B 89 -29.62 15.82 -7.66
CA ALA B 89 -30.68 16.45 -8.42
C ALA B 89 -30.91 15.74 -9.76
N GLU B 90 -29.82 15.43 -10.43
CA GLU B 90 -29.87 14.82 -11.76
C GLU B 90 -29.11 13.48 -11.72
N PRO B 91 -29.47 12.55 -12.63
CA PRO B 91 -28.70 11.30 -12.71
C PRO B 91 -27.23 11.55 -13.02
N LYS B 92 -26.35 10.87 -12.29
CA LYS B 92 -24.92 11.00 -12.50
C LYS B 92 -24.43 9.93 -13.47
N THR B 93 -23.67 10.36 -14.48
CA THR B 93 -23.14 9.43 -15.47
C THR B 93 -21.61 9.41 -15.46
N VAL B 94 -21.05 8.22 -15.38
CA VAL B 94 -19.61 8.04 -15.38
C VAL B 94 -19.20 7.13 -16.54
N TYR B 95 -18.36 7.65 -17.43
CA TYR B 95 -17.93 6.89 -18.60
C TYR B 95 -16.71 6.04 -18.29
N TRP B 96 -16.62 4.90 -18.98
CA TRP B 96 -15.46 4.02 -18.84
C TRP B 96 -14.30 4.55 -19.68
N ASP B 97 -13.08 4.35 -19.18
CA ASP B 97 -11.89 4.79 -19.90
C ASP B 97 -10.84 3.66 -19.95
N ARG B 98 -9.57 4.03 -19.80
CA ARG B 98 -8.50 3.05 -19.86
C ARG B 98 -7.20 3.59 -19.26
N THR C 22 33.65 15.52 -6.18
CA THR C 22 33.35 14.36 -5.34
C THR C 22 31.93 14.45 -4.76
N HIS C 23 31.37 15.65 -4.79
CA HIS C 23 29.97 15.87 -4.40
C HIS C 23 29.24 16.62 -5.50
N THR C 24 28.06 16.13 -5.87
CA THR C 24 27.34 16.69 -7.00
C THR C 24 25.94 17.20 -6.66
N LEU C 25 25.71 18.48 -6.94
CA LEU C 25 24.37 19.05 -6.88
C LEU C 25 23.85 19.14 -8.31
N ARG C 26 22.62 18.68 -8.55
CA ARG C 26 22.06 18.73 -9.89
C ARG C 26 20.58 19.14 -9.89
N TYR C 27 20.28 20.22 -10.60
CA TYR C 27 18.91 20.65 -10.80
C TYR C 27 18.40 20.16 -12.16
N ASN C 28 17.28 19.44 -12.15
CA ASN C 28 16.59 19.07 -13.38
C ASN C 28 15.24 19.77 -13.43
N VAL C 29 15.07 20.67 -14.40
CA VAL C 29 13.90 21.51 -14.46
C VAL C 29 13.16 21.42 -15.80
N ARG C 30 11.83 21.53 -15.73
CA ARG C 30 11.01 21.55 -16.93
C ARG C 30 9.90 22.58 -16.81
N ALA C 31 9.74 23.40 -17.84
CA ALA C 31 8.64 24.36 -17.88
C ALA C 31 7.31 23.64 -17.95
N HIS C 32 6.29 24.23 -17.34
CA HIS C 32 4.93 23.69 -17.40
C HIS C 32 3.93 24.73 -16.92
N SER C 33 2.67 24.55 -17.29
CA SER C 33 1.61 25.48 -16.90
C SER C 33 0.76 24.90 -15.78
N LEU C 34 0.27 25.77 -14.90
CA LEU C 34 -0.60 25.36 -13.82
C LEU C 34 -2.05 25.35 -14.32
N GLU C 35 -2.81 24.36 -13.86
CA GLU C 35 -4.17 24.11 -14.35
C GLU C 35 -5.06 25.34 -14.37
N GLY C 36 -5.13 26.05 -13.24
CA GLY C 36 -5.95 27.24 -13.13
C GLY C 36 -5.51 28.36 -14.06
N SER C 37 -4.65 29.23 -13.56
CA SER C 37 -4.08 30.29 -14.40
C SER C 37 -2.97 29.72 -15.25
N GLU C 38 -3.01 30.02 -16.55
CA GLU C 38 -2.02 29.47 -17.48
C GLU C 38 -0.74 30.31 -17.52
N LYS C 39 -0.09 30.42 -16.37
CA LYS C 39 1.25 31.00 -16.31
C LYS C 39 2.26 29.88 -16.13
N THR C 40 3.52 30.15 -16.42
CA THR C 40 4.53 29.11 -16.42
C THR C 40 5.34 29.07 -15.13
N GLN C 41 5.54 27.85 -14.62
CA GLN C 41 6.46 27.62 -13.51
C GLN C 41 7.49 26.59 -13.94
N LEU C 42 8.47 26.35 -13.06
CA LEU C 42 9.39 25.23 -13.27
C LEU C 42 9.06 24.09 -12.32
N LEU C 43 8.85 22.91 -12.88
CA LEU C 43 8.93 21.69 -12.11
C LEU C 43 10.41 21.41 -11.90
N VAL C 44 10.86 21.38 -10.65
CA VAL C 44 12.28 21.18 -10.41
C VAL C 44 12.53 19.91 -9.60
N LEU C 45 13.58 19.21 -10.00
CA LEU C 45 14.07 18.05 -9.28
C LEU C 45 15.51 18.35 -8.89
N ILE C 46 15.82 18.12 -7.61
CA ILE C 46 17.15 18.41 -7.12
C ILE C 46 17.84 17.12 -6.67
N TYR C 47 18.95 16.81 -7.32
CA TYR C 47 19.72 15.63 -6.98
C TYR C 47 21.03 16.02 -6.31
N VAL C 48 21.16 15.68 -5.04
CA VAL C 48 22.44 15.79 -4.35
C VAL C 48 23.11 14.42 -4.45
N ASP C 49 24.36 14.41 -4.91
CA ASP C 49 25.14 13.18 -5.03
C ASP C 49 24.43 12.06 -5.80
N GLU C 50 23.60 12.45 -6.77
CA GLU C 50 22.91 11.54 -7.71
C GLU C 50 21.66 10.83 -7.15
N GLU C 51 21.19 11.23 -5.98
CA GLU C 51 19.91 10.70 -5.49
C GLU C 51 18.89 11.83 -5.33
N LEU C 52 17.64 11.53 -5.70
CA LEU C 52 16.55 12.50 -5.62
C LEU C 52 16.36 12.99 -4.18
N PHE C 53 16.38 14.31 -4.03
CA PHE C 53 16.52 14.93 -2.72
C PHE C 53 15.39 15.92 -2.44
N LEU C 54 15.16 16.85 -3.37
CA LEU C 54 14.05 17.78 -3.28
C LEU C 54 13.24 17.79 -4.57
N LYS C 55 11.94 18.07 -4.44
CA LYS C 55 11.07 18.15 -5.61
C LYS C 55 9.99 19.21 -5.43
N TYR C 56 9.87 20.10 -6.41
CA TYR C 56 8.77 21.05 -6.43
C TYR C 56 7.95 20.90 -7.69
N ASN C 57 6.69 20.51 -7.50
CA ASN C 57 5.72 20.36 -8.58
C ASN C 57 4.49 21.22 -8.30
N GLY C 58 4.52 22.46 -8.81
CA GLY C 58 3.45 23.41 -8.55
C GLY C 58 2.09 23.01 -9.08
N ASP C 59 2.06 22.08 -10.02
CA ASP C 59 0.79 21.66 -10.63
C ASP C 59 0.36 20.26 -10.17
N SER C 60 0.84 19.85 -9.00
CA SER C 60 0.39 18.59 -8.42
C SER C 60 -1.10 18.67 -8.14
N ARG C 61 -1.75 17.50 -8.13
CA ARG C 61 -3.18 17.44 -7.84
C ARG C 61 -3.45 16.58 -6.61
N GLU C 62 -3.23 15.28 -6.74
CA GLU C 62 -3.41 14.38 -5.60
C GLU C 62 -2.07 14.02 -4.96
N THR C 63 -0.98 14.40 -5.61
CA THR C 63 0.35 14.21 -5.03
C THR C 63 0.78 15.49 -4.31
N GLU C 64 1.87 15.39 -3.57
CA GLU C 64 2.42 16.54 -2.84
C GLU C 64 3.20 17.47 -3.77
N PRO C 65 2.91 18.78 -3.70
CA PRO C 65 3.67 19.76 -4.48
C PRO C 65 5.10 19.89 -4.00
N LEU C 66 5.31 19.71 -2.70
CA LEU C 66 6.63 19.76 -2.13
C LEU C 66 7.07 18.38 -1.67
N GLY C 67 8.13 17.87 -2.26
CA GLY C 67 8.63 16.56 -1.95
C GLY C 67 10.03 16.61 -1.37
N CYS C 68 10.25 15.83 -0.33
CA CYS C 68 11.56 15.77 0.32
C CYS C 68 11.79 14.43 0.98
N TRP C 69 12.94 13.83 0.70
CA TRP C 69 13.25 12.50 1.23
C TRP C 69 14.60 12.50 1.95
N ILE C 70 14.57 12.20 3.24
CA ILE C 70 15.78 12.11 4.04
C ILE C 70 15.88 10.76 4.75
N CYS C 79 14.21 19.75 6.86
CA CYS C 79 13.19 19.95 5.84
C CYS C 79 12.00 20.73 6.38
N ALA C 80 11.42 21.53 5.49
CA ALA C 80 10.46 22.63 5.72
C ALA C 80 11.21 23.95 5.58
N ARG C 81 12.42 23.98 6.13
CA ARG C 81 13.33 25.08 5.87
C ARG C 81 13.84 24.96 4.44
N GLU C 82 14.14 23.73 4.04
CA GLU C 82 14.64 23.45 2.70
C GLU C 82 13.58 23.76 1.64
N THR C 83 12.35 23.27 1.86
CA THR C 83 11.25 23.49 0.93
C THR C 83 10.93 24.97 0.76
N ASN C 84 11.22 25.75 1.81
CA ASN C 84 11.04 27.19 1.74
C ASN C 84 12.03 27.83 0.78
N ASN C 85 13.28 27.36 0.86
CA ASN C 85 14.32 27.80 -0.07
C ASN C 85 14.06 27.28 -1.47
N LEU C 86 13.51 26.07 -1.53
CA LEU C 86 13.18 25.43 -2.81
C LEU C 86 12.28 26.32 -3.67
N LEU C 87 11.26 26.89 -3.05
CA LEU C 87 10.37 27.83 -3.75
C LEU C 87 11.15 29.03 -4.28
N LYS C 88 12.16 29.45 -3.52
CA LYS C 88 12.93 30.63 -3.88
C LYS C 88 13.89 30.33 -5.03
N VAL C 89 14.50 29.15 -5.04
CA VAL C 89 15.42 28.79 -6.11
C VAL C 89 14.65 28.48 -7.39
N GLU C 90 13.38 28.11 -7.26
CA GLU C 90 12.53 27.86 -8.43
C GLU C 90 12.31 29.17 -9.18
N GLU C 91 11.92 30.22 -8.46
CA GLU C 91 11.71 31.53 -9.07
C GLU C 91 13.01 32.11 -9.60
N LYS C 92 14.10 31.93 -8.85
CA LYS C 92 15.40 32.41 -9.29
C LYS C 92 15.76 31.79 -10.64
N LEU C 93 15.66 30.47 -10.73
CA LEU C 93 15.92 29.76 -11.98
C LEU C 93 14.90 30.12 -13.06
N ARG C 94 13.64 30.27 -12.67
CA ARG C 94 12.58 30.64 -13.61
C ARG C 94 12.84 32.03 -14.20
N GLY C 95 13.28 32.96 -13.36
CA GLY C 95 13.58 34.31 -13.81
C GLY C 95 14.74 34.35 -14.79
N MET C 96 15.79 33.61 -14.47
CA MET C 96 16.99 33.57 -15.31
C MET C 96 16.70 33.03 -16.72
N MET C 97 15.69 32.17 -16.81
CA MET C 97 15.36 31.52 -18.08
C MET C 97 14.02 31.99 -18.63
N ALA C 98 13.60 33.19 -18.25
CA ALA C 98 12.30 33.74 -18.64
C ALA C 98 12.14 33.80 -20.16
N GLU C 99 13.20 34.20 -20.85
CA GLU C 99 13.15 34.40 -22.29
C GLU C 99 12.93 33.10 -23.06
N VAL C 100 13.68 32.06 -22.69
CA VAL C 100 13.58 30.78 -23.39
C VAL C 100 12.37 29.98 -22.90
N ILE C 101 11.86 30.32 -21.72
CA ILE C 101 10.63 29.72 -21.23
C ILE C 101 9.46 30.21 -22.07
N ASN C 102 9.45 31.51 -22.36
CA ASN C 102 8.40 32.12 -23.17
C ASN C 102 8.29 31.48 -24.55
N THR C 112 7.82 23.06 -23.36
CA THR C 112 8.60 21.82 -23.33
C THR C 112 10.08 22.08 -23.07
N LEU C 113 10.40 23.31 -22.66
CA LEU C 113 11.77 23.65 -22.30
C LEU C 113 12.21 22.83 -21.10
N GLN C 114 13.39 22.22 -21.22
CA GLN C 114 13.98 21.52 -20.09
C GLN C 114 15.41 21.98 -19.92
N ALA C 115 15.95 21.78 -18.73
CA ALA C 115 17.32 22.18 -18.44
C ALA C 115 17.90 21.34 -17.32
N THR C 116 19.20 21.11 -17.37
CA THR C 116 19.89 20.46 -16.27
C THR C 116 21.18 21.22 -15.95
N LEU C 117 21.35 21.53 -14.67
CA LEU C 117 22.46 22.36 -14.22
C LEU C 117 22.89 21.93 -12.82
N GLY C 118 24.04 22.41 -12.37
CA GLY C 118 24.51 22.09 -11.04
C GLY C 118 25.98 22.29 -10.77
N CYS C 119 26.47 21.67 -9.69
CA CYS C 119 27.84 21.88 -9.23
C CYS C 119 28.65 20.60 -9.16
N GLU C 120 29.97 20.76 -9.30
CA GLU C 120 30.98 19.73 -9.05
C GLU C 120 30.55 18.30 -9.37
N ARG C 128 33.62 23.21 -10.44
CA ARG C 128 33.13 22.94 -11.78
C ARG C 128 31.60 22.96 -11.83
N GLY C 129 31.06 23.76 -12.75
CA GLY C 129 29.63 23.85 -12.93
C GLY C 129 29.21 23.48 -14.33
N PHE C 130 27.91 23.35 -14.56
CA PHE C 130 27.39 23.00 -15.87
C PHE C 130 25.95 23.50 -16.02
N TRP C 131 25.55 23.78 -17.26
CA TRP C 131 24.18 24.23 -17.52
C TRP C 131 23.80 23.95 -18.97
N HIS C 132 22.84 23.05 -19.16
CA HIS C 132 22.36 22.67 -20.49
C HIS C 132 20.88 23.00 -20.66
N LEU C 133 20.49 23.39 -21.87
CA LEU C 133 19.12 23.78 -22.15
C LEU C 133 18.52 23.00 -23.32
N GLY C 134 17.23 23.17 -23.55
CA GLY C 134 16.64 22.66 -24.77
C GLY C 134 15.17 22.23 -24.74
N TYR C 135 14.70 21.83 -25.92
CA TYR C 135 13.38 21.25 -26.09
C TYR C 135 13.57 19.83 -26.60
N ASP C 136 14.02 18.96 -25.69
CA ASP C 136 14.47 17.61 -26.03
C ASP C 136 13.46 16.60 -25.48
N PHE C 140 20.72 20.85 -26.14
CA PHE C 140 21.24 21.34 -27.40
C PHE C 140 22.08 22.60 -27.20
N LEU C 141 21.95 23.21 -26.03
CA LEU C 141 22.69 24.43 -25.69
C LEU C 141 23.49 24.20 -24.41
N THR C 142 24.72 24.68 -24.39
CA THR C 142 25.61 24.41 -23.26
C THR C 142 26.45 25.63 -22.87
N PHE C 143 26.48 25.93 -21.57
CA PHE C 143 27.32 27.00 -21.04
C PHE C 143 28.76 26.53 -20.97
N ASP C 144 29.53 26.79 -22.03
CA ASP C 144 30.89 26.29 -22.14
C ASP C 144 31.82 26.88 -21.08
N THR C 147 34.38 29.93 -20.96
CA THR C 147 34.47 30.95 -22.00
C THR C 147 33.31 31.93 -21.91
N LEU C 148 32.39 31.66 -20.99
CA LEU C 148 31.32 32.59 -20.63
C LEU C 148 30.34 32.87 -21.77
N THR C 149 30.20 31.91 -22.67
CA THR C 149 29.22 32.01 -23.76
C THR C 149 28.48 30.69 -23.93
N TRP C 150 27.40 30.72 -24.71
CA TRP C 150 26.57 29.53 -24.90
C TRP C 150 26.88 28.81 -26.21
N THR C 151 27.18 27.51 -26.10
CA THR C 151 27.51 26.69 -27.27
C THR C 151 26.30 25.92 -27.77
N VAL C 152 25.93 26.14 -29.03
CA VAL C 152 24.79 25.44 -29.62
C VAL C 152 25.14 24.01 -29.97
N GLN C 159 21.28 30.49 -38.18
CA GLN C 159 19.98 30.96 -37.73
C GLN C 159 19.62 30.37 -36.37
N ASN C 160 20.03 29.12 -36.15
CA ASN C 160 19.81 28.46 -34.87
C ASN C 160 20.66 29.11 -33.78
N LYS C 161 21.87 29.51 -34.17
CA LYS C 161 22.80 30.16 -33.25
C LYS C 161 22.31 31.56 -32.88
N MET C 162 21.77 32.27 -33.87
CA MET C 162 21.28 33.63 -33.66
C MET C 162 20.14 33.66 -32.65
N PHE C 163 19.24 32.69 -32.75
CA PHE C 163 18.07 32.63 -31.87
C PHE C 163 18.45 32.22 -30.45
N TRP C 164 19.30 31.20 -30.33
CA TRP C 164 19.68 30.68 -29.03
C TRP C 164 20.56 31.65 -28.26
N LYS C 165 21.52 32.27 -28.97
CA LYS C 165 22.44 33.20 -28.34
C LYS C 165 21.71 34.41 -27.74
N THR C 166 20.70 34.88 -28.45
CA THR C 166 19.92 36.03 -28.00
C THR C 166 19.07 35.68 -26.77
N HIS C 167 18.33 34.59 -26.85
CA HIS C 167 17.39 34.22 -25.80
C HIS C 167 18.03 33.58 -24.57
N ALA C 168 19.26 33.09 -24.73
CA ALA C 168 19.97 32.39 -23.65
C ALA C 168 20.03 33.22 -22.37
N PRO C 169 20.08 32.55 -21.22
CA PRO C 169 20.24 33.25 -19.95
C PRO C 169 21.53 34.06 -19.90
N ARG C 170 21.48 35.24 -19.29
CA ARG C 170 22.64 36.14 -19.21
C ARG C 170 23.85 35.44 -18.60
N ALA C 171 24.99 35.54 -19.29
CA ALA C 171 26.21 34.84 -18.89
C ALA C 171 26.71 35.29 -17.52
N ASP C 172 26.47 36.55 -17.19
CA ASP C 172 26.87 37.09 -15.89
C ASP C 172 26.13 36.38 -14.76
N LEU C 173 24.80 36.39 -14.84
CA LEU C 173 23.96 35.78 -13.83
C LEU C 173 24.17 34.27 -13.75
N VAL C 174 24.57 33.67 -14.87
CA VAL C 174 24.80 32.23 -14.93
C VAL C 174 26.10 31.84 -14.23
N LYS C 175 27.18 32.56 -14.53
CA LYS C 175 28.47 32.27 -13.93
C LYS C 175 28.42 32.39 -12.41
N THR C 176 27.80 33.46 -11.94
CA THR C 176 27.66 33.70 -10.50
C THR C 176 26.89 32.58 -9.82
N PHE C 177 25.82 32.11 -10.45
CA PHE C 177 25.04 31.02 -9.89
C PHE C 177 25.88 29.76 -9.77
N LEU C 178 26.64 29.45 -10.81
CA LEU C 178 27.44 28.22 -10.83
C LEU C 178 28.68 28.30 -9.95
N ASP C 179 29.22 29.50 -9.77
CA ASP C 179 30.48 29.68 -9.06
C ASP C 179 30.32 29.89 -7.55
N ASP C 180 29.30 30.64 -7.15
CA ASP C 180 29.13 31.00 -5.74
C ASP C 180 27.81 30.52 -5.13
N ILE C 181 26.71 30.83 -5.79
CA ILE C 181 25.38 30.59 -5.23
C ILE C 181 25.02 29.10 -5.17
N CYS C 182 25.37 28.35 -6.21
CA CYS C 182 25.11 26.91 -6.22
C CYS C 182 26.01 26.11 -5.27
N PRO C 183 27.32 26.43 -5.22
CA PRO C 183 28.15 25.72 -4.22
C PRO C 183 27.66 25.92 -2.80
N ALA C 184 27.15 27.11 -2.50
CA ALA C 184 26.60 27.42 -1.17
C ALA C 184 25.41 26.51 -0.87
N HIS C 185 24.52 26.37 -1.84
CA HIS C 185 23.36 25.49 -1.72
C HIS C 185 23.80 24.05 -1.45
N LEU C 186 24.80 23.60 -2.20
CA LEU C 186 25.34 22.26 -2.02
C LEU C 186 25.98 22.13 -0.64
N GLN C 187 26.63 23.21 -0.19
CA GLN C 187 27.22 23.23 1.14
C GLN C 187 26.15 23.17 2.21
N ARG C 188 25.08 23.93 2.01
CA ARG C 188 23.94 23.95 2.93
C ARG C 188 23.33 22.56 3.06
N TYR C 189 23.03 21.95 1.91
CA TYR C 189 22.47 20.59 1.87
C TYR C 189 23.38 19.62 2.61
N LEU C 190 24.67 19.73 2.35
CA LEU C 190 25.66 18.90 3.05
C LEU C 190 25.92 19.46 4.45
N GLY C 201 24.41 8.88 17.13
CA GLY C 201 25.69 8.63 17.78
C GLY C 201 26.70 8.01 16.84
N PRO C 202 27.88 7.65 17.36
CA PRO C 202 28.93 7.06 16.54
C PRO C 202 28.58 5.64 16.09
N PRO C 203 29.29 5.12 15.09
CA PRO C 203 29.10 3.69 14.80
C PRO C 203 29.57 2.86 15.99
N MET C 204 29.08 1.63 16.10
CA MET C 204 29.59 0.74 17.12
C MET C 204 29.99 -0.59 16.50
N VAL C 205 30.98 -1.24 17.10
CA VAL C 205 31.55 -2.47 16.56
C VAL C 205 31.44 -3.58 17.58
N THR C 206 30.97 -4.74 17.14
CA THR C 206 30.93 -5.92 18.01
C THR C 206 31.79 -7.03 17.42
N VAL C 207 32.40 -7.83 18.29
CA VAL C 207 33.12 -9.03 17.85
C VAL C 207 32.62 -10.23 18.63
N THR C 208 32.31 -11.30 17.92
CA THR C 208 31.89 -12.55 18.54
C THR C 208 32.82 -13.66 18.07
N CYS C 209 32.99 -14.69 18.88
CA CYS C 209 33.78 -15.86 18.49
C CYS C 209 33.01 -17.16 18.69
N ARG C 210 33.25 -18.13 17.81
CA ARG C 210 32.64 -19.44 17.87
C ARG C 210 33.71 -20.51 17.68
N ASN C 211 33.69 -21.54 18.52
CA ASN C 211 34.59 -22.68 18.34
C ASN C 211 34.11 -23.54 17.17
N TYR C 212 34.37 -23.03 15.97
CA TYR C 212 33.85 -23.62 14.75
C TYR C 212 34.52 -22.94 13.56
N PRO C 213 34.86 -23.70 12.50
CA PRO C 213 34.72 -25.16 12.42
C PRO C 213 35.81 -25.89 13.19
N VAL C 214 35.83 -27.21 13.09
CA VAL C 214 36.79 -28.02 13.80
C VAL C 214 38.22 -27.58 13.50
N GLY C 215 39.01 -27.37 14.55
CA GLY C 215 40.40 -26.97 14.40
C GLY C 215 40.57 -25.47 14.25
N ARG C 216 39.44 -24.74 14.30
CA ARG C 216 39.45 -23.29 14.09
C ARG C 216 38.57 -22.56 15.08
N VAL C 217 38.83 -21.26 15.24
CA VAL C 217 37.90 -20.35 15.87
C VAL C 217 37.48 -19.34 14.82
N THR C 218 36.17 -19.09 14.72
CA THR C 218 35.67 -18.10 13.78
C THR C 218 35.37 -16.80 14.50
N LEU C 219 36.00 -15.72 14.05
CA LEU C 219 35.74 -14.40 14.60
C LEU C 219 34.86 -13.61 13.64
N THR C 220 33.84 -12.95 14.17
CA THR C 220 32.94 -12.17 13.35
C THR C 220 32.85 -10.73 13.84
N CYS C 221 33.20 -9.79 12.95
CA CYS C 221 33.13 -8.38 13.30
C CYS C 221 31.95 -7.71 12.59
N ARG C 222 31.09 -7.06 13.36
CA ARG C 222 29.96 -6.33 12.79
C ARG C 222 30.02 -4.87 13.16
N ALA C 223 29.80 -4.00 12.18
CA ALA C 223 29.72 -2.56 12.42
C ALA C 223 28.27 -2.12 12.28
N PHE C 224 27.73 -1.46 13.30
CA PHE C 224 26.36 -0.95 13.26
C PHE C 224 26.34 0.57 13.22
N ASN C 225 25.19 1.12 12.86
CA ASN C 225 24.94 2.55 12.96
C ASN C 225 25.83 3.40 12.06
N LEU C 226 26.10 2.88 10.86
CA LEU C 226 26.80 3.65 9.84
C LEU C 226 25.84 4.63 9.19
N TYR C 227 26.22 5.90 9.13
CA TYR C 227 25.36 6.95 8.58
C TYR C 227 25.33 6.92 7.05
N THR C 228 26.43 6.47 6.46
CA THR C 228 26.52 6.31 5.01
C THR C 228 26.82 4.87 4.63
N ARG C 229 26.84 4.58 3.32
CA ARG C 229 27.07 3.22 2.83
C ARG C 229 28.53 2.95 2.49
N GLU C 230 29.44 3.70 3.11
CA GLU C 230 30.86 3.44 2.92
C GLU C 230 31.48 3.03 4.26
N ALA C 231 32.29 1.97 4.22
CA ALA C 231 32.94 1.47 5.42
C ALA C 231 34.09 0.53 5.07
N THR C 232 35.12 0.54 5.91
CA THR C 232 36.19 -0.43 5.82
C THR C 232 36.35 -1.14 7.15
N LEU C 233 36.36 -2.47 7.11
CA LEU C 233 36.63 -3.28 8.30
C LEU C 233 37.95 -4.01 8.12
N VAL C 234 38.82 -3.90 9.12
CA VAL C 234 40.14 -4.53 9.06
C VAL C 234 40.34 -5.49 10.22
N TRP C 235 40.76 -6.71 9.92
CA TRP C 235 41.23 -7.63 10.95
C TRP C 235 42.71 -7.40 11.21
N LEU C 236 43.07 -7.14 12.46
CA LEU C 236 44.47 -6.96 12.83
C LEU C 236 44.92 -8.04 13.81
N GLN C 237 46.15 -8.52 13.63
CA GLN C 237 46.74 -9.48 14.54
C GLN C 237 47.95 -8.85 15.22
N ASP C 238 47.82 -8.60 16.52
CA ASP C 238 48.81 -7.85 17.27
C ASP C 238 49.16 -6.56 16.53
N GLY C 239 48.14 -5.87 16.01
CA GLY C 239 48.34 -4.62 15.30
C GLY C 239 48.74 -4.74 13.83
N LYS C 240 48.94 -5.97 13.36
CA LYS C 240 49.27 -6.19 11.95
C LYS C 240 48.04 -6.55 11.13
N PRO C 241 47.71 -5.73 10.11
CA PRO C 241 46.58 -6.03 9.23
C PRO C 241 46.70 -7.42 8.61
N VAL C 242 45.62 -8.19 8.70
CA VAL C 242 45.62 -9.57 8.22
C VAL C 242 44.69 -9.69 7.02
N GLN C 243 43.46 -9.21 7.20
CA GLN C 243 42.47 -9.19 6.13
C GLN C 243 41.76 -7.85 6.14
N GLN C 244 41.22 -7.46 4.99
CA GLN C 244 40.53 -6.18 4.87
C GLN C 244 39.37 -6.29 3.89
N LYS C 245 38.27 -5.58 4.18
CA LYS C 245 37.17 -5.49 3.24
C LYS C 245 36.59 -4.08 3.22
N THR C 246 36.52 -3.49 2.03
CA THR C 246 35.93 -2.17 1.86
C THR C 246 34.54 -2.33 1.25
N PHE C 247 33.54 -1.76 1.90
CA PHE C 247 32.16 -1.99 1.52
C PHE C 247 31.62 -0.93 0.57
N ARG C 248 30.83 -1.39 -0.41
CA ARG C 248 30.35 -0.56 -1.49
C ARG C 248 28.88 -0.28 -1.29
N SER C 249 28.19 0.01 -2.39
CA SER C 249 26.75 -0.21 -2.44
C SER C 249 26.61 -1.64 -2.93
N GLU C 250 25.48 -2.27 -2.64
CA GLU C 250 25.22 -3.67 -3.01
C GLU C 250 26.10 -4.68 -2.26
N THR C 251 26.86 -4.21 -1.27
CA THR C 251 27.55 -5.11 -0.35
C THR C 251 27.32 -4.66 1.10
N ILE C 252 27.04 -3.36 1.26
CA ILE C 252 26.69 -2.82 2.56
C ILE C 252 25.28 -3.29 2.92
N LEU C 253 24.97 -3.37 4.21
CA LEU C 253 23.66 -3.86 4.64
C LEU C 253 22.81 -2.76 5.23
N PRO C 254 21.58 -2.60 4.74
CA PRO C 254 20.62 -1.68 5.35
C PRO C 254 20.10 -2.26 6.66
N SER C 255 20.08 -1.46 7.72
CA SER C 255 19.57 -1.92 9.00
C SER C 255 18.06 -1.77 9.06
N GLY C 256 17.53 -0.87 8.24
CA GLY C 256 16.10 -0.65 8.14
C GLY C 256 15.60 0.59 8.87
N ASP C 257 16.50 1.30 9.54
CA ASP C 257 16.13 2.48 10.31
C ASP C 257 16.82 3.73 9.79
N GLY C 258 17.28 3.68 8.54
CA GLY C 258 18.00 4.79 7.96
C GLY C 258 19.51 4.59 8.01
N THR C 259 19.97 3.73 8.91
CA THR C 259 21.41 3.49 9.05
C THR C 259 21.83 2.18 8.36
N TYR C 260 23.14 1.99 8.24
CA TYR C 260 23.67 0.83 7.55
C TYR C 260 24.60 0.03 8.45
N GLN C 261 24.88 -1.20 8.05
CA GLN C 261 25.75 -2.06 8.84
C GLN C 261 26.59 -2.95 7.94
N ALA C 262 27.67 -3.48 8.49
CA ALA C 262 28.59 -4.31 7.72
C ALA C 262 29.15 -5.44 8.58
N ARG C 263 29.82 -6.38 7.93
CA ARG C 263 30.26 -7.61 8.58
C ARG C 263 31.43 -8.26 7.87
N VAL C 264 32.47 -8.60 8.63
CA VAL C 264 33.54 -9.45 8.10
C VAL C 264 33.84 -10.56 9.11
N SER C 265 34.18 -11.73 8.61
CA SER C 265 34.55 -12.83 9.49
C SER C 265 35.90 -13.40 9.09
N ILE C 266 36.53 -14.11 10.02
CA ILE C 266 37.85 -14.67 9.77
C ILE C 266 38.01 -15.92 10.62
N ARG C 267 38.75 -16.89 10.11
CA ARG C 267 39.05 -18.09 10.87
C ARG C 267 40.52 -18.12 11.29
N VAL C 268 40.75 -18.42 12.56
CA VAL C 268 42.10 -18.47 13.10
C VAL C 268 42.30 -19.76 13.88
N LEU C 269 43.55 -20.08 14.20
CA LEU C 269 43.84 -21.20 15.08
C LEU C 269 43.35 -20.91 16.50
N PRO C 270 42.89 -21.96 17.20
CA PRO C 270 42.54 -21.78 18.62
C PRO C 270 43.75 -21.26 19.39
N GLY C 271 43.57 -20.20 20.16
CA GLY C 271 44.68 -19.62 20.88
C GLY C 271 45.19 -18.34 20.24
N GLN C 272 44.82 -18.12 18.98
CA GLN C 272 45.20 -16.88 18.30
C GLN C 272 44.25 -15.74 18.62
N GLU C 273 43.04 -16.06 19.07
CA GLU C 273 41.98 -15.06 19.30
C GLU C 273 42.39 -13.81 20.10
N PRO C 274 43.13 -13.98 21.22
CA PRO C 274 43.44 -12.76 21.99
C PRO C 274 44.35 -11.77 21.24
N GLN C 275 44.99 -12.22 20.16
CA GLN C 275 45.85 -11.33 19.37
C GLN C 275 45.06 -10.51 18.35
N PHE C 276 43.79 -10.86 18.15
CA PHE C 276 43.02 -10.28 17.05
C PHE C 276 42.09 -9.15 17.46
N SER C 277 42.04 -8.14 16.59
CA SER C 277 41.21 -6.97 16.82
C SER C 277 40.57 -6.57 15.51
N CYS C 278 39.42 -5.89 15.60
CA CYS C 278 38.71 -5.42 14.42
C CYS C 278 38.70 -3.89 14.38
N ASN C 279 39.03 -3.32 13.23
CA ASN C 279 39.04 -1.87 13.09
C ASN C 279 38.05 -1.38 12.03
N LEU C 280 37.17 -0.48 12.45
CA LEU C 280 36.22 0.13 11.52
C LEU C 280 36.66 1.53 11.14
N ARG C 281 36.77 1.77 9.84
CA ARG C 281 36.99 3.13 9.35
C ARG C 281 35.74 3.58 8.61
N HIS C 282 35.12 4.65 9.13
CA HIS C 282 33.89 5.17 8.57
C HIS C 282 33.85 6.68 8.76
N GLY C 283 33.92 7.41 7.65
CA GLY C 283 34.02 8.85 7.70
C GLY C 283 35.30 9.26 8.40
N ASN C 284 35.17 9.95 9.54
CA ASN C 284 36.32 10.30 10.34
C ASN C 284 36.41 9.44 11.60
N HIS C 285 35.58 8.40 11.66
CA HIS C 285 35.61 7.46 12.77
C HIS C 285 36.61 6.34 12.53
N SER C 286 37.45 6.09 13.52
CA SER C 286 38.31 4.91 13.54
C SER C 286 38.09 4.19 14.86
N ILE C 287 37.42 3.03 14.79
CA ILE C 287 36.96 2.37 16.00
C ILE C 287 37.52 0.96 16.14
N MET C 288 38.06 0.67 17.33
CA MET C 288 38.66 -0.62 17.63
C MET C 288 37.74 -1.51 18.45
N GLN C 289 37.82 -2.81 18.21
CA GLN C 289 37.17 -3.79 19.08
C GLN C 289 37.96 -5.09 19.08
N THR C 290 38.33 -5.56 20.28
CA THR C 290 39.09 -6.80 20.40
C THR C 290 38.16 -7.99 20.54
N ALA C 291 38.70 -9.19 20.33
CA ALA C 291 37.90 -10.41 20.38
C ALA C 291 37.55 -10.78 21.82
N ILE D 2 16.98 -11.20 -19.08
CA ILE D 2 17.22 -12.58 -18.68
C ILE D 2 17.34 -12.66 -17.15
N GLN D 3 17.00 -13.82 -16.59
CA GLN D 3 16.82 -13.96 -15.15
C GLN D 3 18.11 -13.96 -14.33
N LYS D 4 18.01 -13.40 -13.13
CA LYS D 4 19.08 -13.44 -12.14
C LYS D 4 18.55 -14.00 -10.83
N THR D 5 19.32 -14.89 -10.20
CA THR D 5 18.91 -15.54 -8.96
C THR D 5 19.13 -14.62 -7.76
N PRO D 6 18.12 -14.50 -6.89
CA PRO D 6 18.26 -13.65 -5.71
C PRO D 6 19.29 -14.13 -4.70
N GLN D 7 20.10 -13.22 -4.19
CA GLN D 7 20.94 -13.51 -3.02
C GLN D 7 20.16 -13.13 -1.77
N ILE D 8 20.29 -13.94 -0.73
CA ILE D 8 19.52 -13.74 0.50
C ILE D 8 20.43 -13.63 1.70
N GLN D 9 20.27 -12.56 2.47
CA GLN D 9 21.02 -12.37 3.70
C GLN D 9 20.07 -12.10 4.87
N VAL D 10 20.28 -12.80 5.98
CA VAL D 10 19.43 -12.67 7.15
C VAL D 10 20.26 -12.22 8.35
N TYR D 11 19.82 -11.15 9.00
CA TYR D 11 20.60 -10.54 10.07
C TYR D 11 19.74 -9.65 10.94
N SER D 12 20.17 -9.45 12.17
CA SER D 12 19.46 -8.60 13.11
C SER D 12 19.79 -7.13 12.86
N ARG D 13 18.84 -6.26 13.15
CA ARG D 13 19.06 -4.81 13.03
C ARG D 13 20.08 -4.32 14.05
N HIS D 14 19.93 -4.79 15.29
CA HIS D 14 20.81 -4.41 16.38
C HIS D 14 21.60 -5.62 16.84
N PRO D 15 22.70 -5.41 17.59
CA PRO D 15 23.39 -6.55 18.21
C PRO D 15 22.43 -7.39 19.05
N PRO D 16 22.31 -8.68 18.72
CA PRO D 16 21.30 -9.54 19.33
C PRO D 16 21.60 -9.90 20.79
N GLU D 17 20.55 -9.89 21.60
CA GLU D 17 20.62 -10.37 22.98
C GLU D 17 19.34 -11.09 23.32
N ASN D 18 19.47 -12.33 23.78
CA ASN D 18 18.31 -13.14 24.14
C ASN D 18 17.42 -12.43 25.13
N GLY D 19 16.13 -12.35 24.82
CA GLY D 19 15.18 -11.69 25.69
C GLY D 19 15.00 -10.21 25.41
N LYS D 20 15.83 -9.65 24.54
CA LYS D 20 15.73 -8.24 24.18
C LYS D 20 15.08 -8.07 22.81
N PRO D 21 14.04 -7.23 22.73
CA PRO D 21 13.30 -6.98 21.48
C PRO D 21 14.21 -6.43 20.39
N ASN D 22 13.99 -6.88 19.15
CA ASN D 22 14.92 -6.56 18.08
C ASN D 22 14.19 -6.62 16.76
N ILE D 23 14.90 -6.42 15.66
CA ILE D 23 14.32 -6.54 14.33
C ILE D 23 15.16 -7.50 13.51
N LEU D 24 14.51 -8.49 12.89
CA LEU D 24 15.21 -9.42 12.01
C LEU D 24 15.01 -9.03 10.55
N ASN D 25 16.11 -8.78 9.86
CA ASN D 25 16.06 -8.38 8.46
C ASN D 25 16.26 -9.53 7.49
N CYS D 26 15.51 -9.50 6.40
CA CYS D 26 15.77 -10.41 5.28
C CYS D 26 16.01 -9.56 4.04
N TYR D 27 17.29 -9.42 3.69
CA TYR D 27 17.72 -8.54 2.62
C TYR D 27 17.93 -9.35 1.35
N VAL D 28 17.05 -9.12 0.37
CA VAL D 28 17.03 -9.92 -0.85
C VAL D 28 17.48 -9.09 -2.04
N THR D 29 18.59 -9.48 -2.65
CA THR D 29 19.23 -8.65 -3.68
C THR D 29 19.52 -9.35 -5.01
N GLN D 30 19.84 -8.53 -6.00
CA GLN D 30 20.33 -8.99 -7.30
C GLN D 30 19.42 -9.98 -8.01
N PHE D 31 18.11 -9.78 -7.95
CA PHE D 31 17.20 -10.65 -8.67
C PHE D 31 16.55 -9.94 -9.85
N HIS D 32 16.04 -10.74 -10.79
CA HIS D 32 15.37 -10.26 -11.98
C HIS D 32 14.62 -11.45 -12.58
N PRO D 33 13.35 -11.27 -12.98
CA PRO D 33 12.48 -10.09 -13.06
C PRO D 33 12.00 -9.53 -11.70
N PRO D 34 11.47 -8.30 -11.69
CA PRO D 34 11.00 -7.64 -10.45
C PRO D 34 9.70 -8.21 -9.89
N HIS D 35 9.70 -9.50 -9.59
CA HIS D 35 8.59 -10.15 -8.91
C HIS D 35 9.16 -11.12 -7.89
N ILE D 36 8.99 -10.81 -6.61
CA ILE D 36 9.54 -11.63 -5.56
C ILE D 36 8.45 -12.03 -4.59
N GLU D 37 8.64 -13.17 -3.94
CA GLU D 37 7.75 -13.63 -2.88
C GLU D 37 8.59 -13.97 -1.67
N ILE D 38 8.29 -13.33 -0.54
CA ILE D 38 9.11 -13.46 0.65
C ILE D 38 8.29 -13.85 1.86
N GLN D 39 8.76 -14.88 2.56
CA GLN D 39 8.13 -15.35 3.78
C GLN D 39 9.16 -15.41 4.88
N MET D 40 8.77 -15.06 6.11
CA MET D 40 9.68 -15.20 7.24
C MET D 40 9.10 -16.23 8.20
N LEU D 41 9.96 -17.06 8.75
CA LEU D 41 9.52 -18.21 9.53
C LEU D 41 10.13 -18.24 10.93
N LYS D 42 9.31 -18.61 11.91
CA LYS D 42 9.80 -18.85 13.27
C LYS D 42 9.50 -20.29 13.66
N ASN D 43 10.55 -21.03 13.98
CA ASN D 43 10.44 -22.46 14.28
C ASN D 43 9.65 -23.19 13.20
N GLY D 44 9.98 -22.90 11.95
CA GLY D 44 9.35 -23.54 10.81
C GLY D 44 7.97 -23.02 10.47
N LYS D 45 7.42 -22.15 11.32
CA LYS D 45 6.07 -21.65 11.10
C LYS D 45 6.05 -20.18 10.66
N LYS D 46 5.11 -19.85 9.77
CA LYS D 46 5.03 -18.53 9.17
C LYS D 46 4.77 -17.41 10.17
N ILE D 47 5.55 -16.34 10.06
CA ILE D 47 5.31 -15.12 10.82
C ILE D 47 4.28 -14.26 10.11
N PRO D 48 3.19 -13.91 10.81
CA PRO D 48 2.04 -13.18 10.24
C PRO D 48 2.38 -11.78 9.75
N LYS D 49 3.04 -10.98 10.59
CA LYS D 49 3.31 -9.59 10.27
C LYS D 49 4.73 -9.37 9.79
N VAL D 50 4.91 -9.33 8.47
CA VAL D 50 6.21 -9.07 7.86
C VAL D 50 6.16 -7.82 7.01
N GLU D 51 7.02 -6.85 7.34
CA GLU D 51 7.09 -5.60 6.59
C GLU D 51 8.05 -5.72 5.42
N MET D 52 7.67 -5.12 4.29
CA MET D 52 8.56 -5.07 3.15
C MET D 52 8.77 -3.64 2.68
N SER D 53 10.01 -3.28 2.39
CA SER D 53 10.33 -1.98 1.82
C SER D 53 9.84 -1.93 0.39
N ASP D 54 9.82 -0.72 -0.18
CA ASP D 54 9.61 -0.58 -1.61
C ASP D 54 10.71 -1.35 -2.35
N MET D 55 10.39 -1.92 -3.51
CA MET D 55 11.40 -2.58 -4.31
C MET D 55 12.27 -1.50 -4.96
N SER D 56 13.57 -1.76 -5.04
CA SER D 56 14.50 -0.80 -5.63
C SER D 56 15.23 -1.39 -6.82
N PHE D 57 15.70 -0.52 -7.71
CA PHE D 57 16.46 -0.95 -8.88
C PHE D 57 17.94 -0.62 -8.68
N SER D 58 18.82 -1.57 -8.97
CA SER D 58 20.25 -1.30 -8.85
C SER D 58 20.85 -1.03 -10.22
N LYS D 59 22.11 -0.60 -10.26
CA LYS D 59 22.73 -0.17 -11.50
C LYS D 59 23.16 -1.38 -12.31
N ASP D 60 23.40 -2.50 -11.62
CA ASP D 60 23.73 -3.77 -12.27
C ASP D 60 22.53 -4.45 -12.90
N TRP D 61 21.51 -3.65 -13.25
CA TRP D 61 20.30 -4.12 -13.91
C TRP D 61 19.58 -5.20 -13.10
N SER D 62 19.45 -4.97 -11.80
CA SER D 62 18.80 -5.94 -10.92
C SER D 62 18.01 -5.25 -9.81
N PHE D 63 17.20 -6.02 -9.12
CA PHE D 63 16.33 -5.46 -8.08
C PHE D 63 16.70 -5.97 -6.70
N TYR D 64 16.33 -5.21 -5.69
CA TYR D 64 16.51 -5.65 -4.31
C TYR D 64 15.40 -5.11 -3.41
N ILE D 65 15.27 -5.71 -2.24
CA ILE D 65 14.20 -5.38 -1.33
C ILE D 65 14.58 -5.84 0.07
N LEU D 66 14.09 -5.12 1.08
CA LEU D 66 14.32 -5.48 2.47
C LEU D 66 13.02 -5.86 3.17
N ALA D 67 12.95 -7.11 3.64
CA ALA D 67 11.84 -7.53 4.48
C ALA D 67 12.31 -7.59 5.93
N HIS D 68 11.39 -7.38 6.87
CA HIS D 68 11.74 -7.50 8.27
C HIS D 68 10.54 -7.76 9.16
N THR D 69 10.83 -8.24 10.37
CA THR D 69 9.81 -8.56 11.35
C THR D 69 10.37 -8.29 12.73
N GLU D 70 9.50 -7.90 13.65
CA GLU D 70 9.90 -7.76 15.04
C GLU D 70 10.11 -9.14 15.64
N PHE D 71 11.16 -9.29 16.46
CA PHE D 71 11.39 -10.54 17.14
C PHE D 71 12.15 -10.35 18.43
N THR D 72 12.03 -11.33 19.31
CA THR D 72 12.79 -11.38 20.54
C THR D 72 13.57 -12.68 20.56
N PRO D 73 14.86 -12.62 20.22
CA PRO D 73 15.68 -13.83 20.08
C PRO D 73 15.79 -14.61 21.38
N THR D 74 15.86 -15.94 21.25
CA THR D 74 16.15 -16.82 22.37
C THR D 74 17.23 -17.80 21.94
N GLU D 75 17.63 -18.68 22.84
CA GLU D 75 18.68 -19.64 22.52
C GLU D 75 18.19 -20.74 21.57
N THR D 76 16.93 -21.11 21.69
CA THR D 76 16.42 -22.29 20.99
C THR D 76 15.53 -21.98 19.78
N ASP D 77 14.90 -20.81 19.75
CA ASP D 77 14.07 -20.44 18.62
C ASP D 77 14.90 -20.28 17.36
N THR D 78 14.42 -20.84 16.25
CA THR D 78 15.08 -20.66 14.97
C THR D 78 14.28 -19.69 14.11
N TYR D 79 14.98 -18.94 13.27
CA TYR D 79 14.33 -18.03 12.34
C TYR D 79 14.88 -18.23 10.94
N ALA D 80 14.04 -18.02 9.94
CA ALA D 80 14.44 -18.24 8.56
C ALA D 80 13.68 -17.34 7.61
N CYS D 81 14.24 -17.16 6.42
CA CYS D 81 13.58 -16.40 5.37
C CYS D 81 13.43 -17.30 4.15
N ARG D 82 12.19 -17.47 3.69
CA ARG D 82 11.95 -18.32 2.52
C ARG D 82 11.49 -17.47 1.34
N VAL D 83 12.15 -17.66 0.21
CA VAL D 83 11.98 -16.78 -0.94
C VAL D 83 11.60 -17.55 -2.20
N LYS D 84 10.56 -17.09 -2.89
CA LYS D 84 10.21 -17.65 -4.19
C LYS D 84 10.50 -16.63 -5.28
N HIS D 85 11.04 -17.12 -6.40
CA HIS D 85 11.36 -16.28 -7.55
C HIS D 85 11.45 -17.16 -8.79
N ALA D 86 11.07 -16.61 -9.94
CA ALA D 86 10.96 -17.38 -11.18
C ALA D 86 12.29 -17.97 -11.64
N SER D 87 13.39 -17.48 -11.11
CA SER D 87 14.71 -17.99 -11.49
C SER D 87 15.06 -19.26 -10.73
N MET D 88 14.18 -19.66 -9.81
CA MET D 88 14.44 -20.82 -8.96
C MET D 88 13.32 -21.84 -9.06
N ALA D 89 13.71 -23.10 -9.30
CA ALA D 89 12.74 -24.19 -9.40
C ALA D 89 12.04 -24.44 -8.07
N GLU D 90 12.78 -24.27 -7.00
CA GLU D 90 12.23 -24.47 -5.65
C GLU D 90 12.43 -23.22 -4.80
N PRO D 91 11.55 -23.01 -3.81
CA PRO D 91 11.76 -21.95 -2.83
C PRO D 91 13.11 -22.10 -2.13
N LYS D 92 13.77 -20.98 -1.85
CA LYS D 92 15.05 -21.03 -1.16
C LYS D 92 14.92 -20.52 0.27
N THR D 93 15.38 -21.34 1.22
CA THR D 93 15.30 -20.98 2.63
C THR D 93 16.69 -20.68 3.18
N VAL D 94 16.81 -19.56 3.87
CA VAL D 94 18.07 -19.20 4.52
C VAL D 94 17.83 -18.95 6.00
N TYR D 95 18.47 -19.75 6.85
CA TYR D 95 18.29 -19.64 8.29
C TYR D 95 19.11 -18.50 8.85
N TRP D 96 18.57 -17.85 9.89
CA TRP D 96 19.32 -16.85 10.62
C TRP D 96 20.47 -17.52 11.36
N ASP D 97 21.69 -17.10 11.05
CA ASP D 97 22.85 -17.58 11.79
C ASP D 97 23.49 -16.42 12.55
N ARG D 98 23.38 -16.45 13.87
CA ARG D 98 23.82 -15.35 14.72
C ARG D 98 25.33 -15.12 14.66
N ASP D 99 26.10 -16.21 14.69
CA ASP D 99 27.55 -16.18 14.84
C ASP D 99 27.95 -15.57 16.17
S SO4 E . -1.09 14.14 -9.59
O1 SO4 E . -0.21 13.07 -10.03
O2 SO4 E . -0.35 15.03 -8.70
O3 SO4 E . -2.22 13.58 -8.86
O4 SO4 E . -1.57 14.88 -10.75
#